data_2Y1L
#
_entry.id   2Y1L
#
_cell.length_a   61.000
_cell.length_b   81.600
_cell.length_c   163.200
_cell.angle_alpha   90.00
_cell.angle_beta   90.00
_cell.angle_gamma   90.00
#
_symmetry.space_group_name_H-M   'P 21 21 21'
#
loop_
_entity.id
_entity.type
_entity.pdbx_description
1 polymer 'Caspase-8 subunit p18'
2 polymer Caspase-8
3 polymer DARPIN-8.4
4 polymer AC-IETD-CHO
5 polymer N-(2-oxoethyl)-L-isoleucyl-L-alpha-glutamyl-N-[(1R)-2-carboxy-1-formylethyl]-L-threoninamide
6 non-polymer 'SULFATE ION'
7 non-polymer 1,2-ETHANEDIOL
8 water water
#
loop_
_entity_poly.entity_id
_entity_poly.type
_entity_poly.pdbx_seq_one_letter_code
_entity_poly.pdbx_strand_id
1 'polypeptide(L)'
;MGESQTLDKVYQMKSKPRGYCLIINNHNFAKAREKVPKLHSIRDRNGTHLDAGALTTTFEELHFEIKPHDDCTVEQIYEI
LKIYQLMDHSNMDCFICCILSHGDKGIIYGTDGQEAPIYELTSQFTGLKCPSLAGKPKVFFIQACQGDNYQKGIPVETD
;
A,C
2 'polypeptide(L)'
;EEQPYLEMDLSSPQTRYIPDEADFLLGMATVNNCVSYRNPAEGTWYIQSLCQSLRERCPRGDDILTILTEVNYEVSNKDD
KKNMGKQMPQPTFTLRKKLVFPSD
;
B,D
3 'polypeptide(L)'
;MRGSHHHHHHGSDLGKKLLEAARAGRDDEVRILMANGADVNAEDASGWTPLHLAAFNGHLEIVEVLLKNGADVNAVDHAG
MTPLRLAALFGHLEIVEVLLKNGADVNANDMEGHTPLHLAAMFGHLEIVEVLLKNGADVNAQDKFGKTAFDISIDNGNED
LAEILQKLN
;
E,F
4 'polypeptide(L)' IETD H
5 'polypeptide(L)' (ACE)IET(ASJ) I
#
# COMPACT_ATOMS: atom_id res chain seq x y z
N LEU A 7 8.91 22.08 -6.46
CA LEU A 7 8.10 21.97 -5.25
C LEU A 7 6.80 21.23 -5.51
N ASP A 8 6.49 20.27 -4.66
CA ASP A 8 5.19 19.63 -4.73
C ASP A 8 4.16 20.67 -4.32
N LYS A 9 2.96 20.49 -4.86
CA LYS A 9 1.83 21.21 -4.36
C LYS A 9 1.67 20.75 -2.92
N VAL A 10 0.99 21.56 -2.10
CA VAL A 10 0.73 21.20 -0.74
C VAL A 10 -0.77 21.26 -0.59
N TYR A 11 -1.34 20.26 0.06
CA TYR A 11 -2.76 20.31 0.31
C TYR A 11 -3.09 21.50 1.15
N GLN A 12 -4.14 22.19 0.77
CA GLN A 12 -4.64 23.25 1.61
C GLN A 12 -4.96 22.64 2.96
N MET A 13 -4.48 23.26 4.01
CA MET A 13 -4.73 22.73 5.33
C MET A 13 -4.82 23.94 6.23
N LYS A 14 -5.92 24.67 6.09
CA LYS A 14 -6.04 25.93 6.80
C LYS A 14 -7.43 26.09 7.37
N SER A 15 -8.36 25.26 6.92
CA SER A 15 -9.74 25.36 7.40
C SER A 15 -9.77 25.08 8.89
N LYS A 16 -10.76 25.66 9.55
CA LYS A 16 -10.92 25.48 10.99
C LYS A 16 -12.33 25.00 11.26
N PRO A 17 -12.48 23.73 11.64
CA PRO A 17 -11.38 22.78 11.79
C PRO A 17 -10.86 22.33 10.43
N ARG A 18 -9.72 21.66 10.44
CA ARG A 18 -9.17 21.11 9.21
C ARG A 18 -10.12 20.11 8.61
N GLY A 19 -10.87 19.47 9.48
CA GLY A 19 -11.78 18.44 9.07
C GLY A 19 -12.02 17.56 10.26
N TYR A 20 -12.69 16.45 10.03
CA TYR A 20 -12.96 15.53 11.11
C TYR A 20 -11.85 14.55 11.21
N CYS A 21 -11.51 14.21 12.45
CA CYS A 21 -10.62 13.11 12.67
C CYS A 21 -11.45 12.08 13.40
N LEU A 22 -11.94 11.11 12.65
CA LEU A 22 -12.82 10.11 13.20
C LEU A 22 -11.92 9.12 13.86
N ILE A 23 -12.23 8.75 15.10
CA ILE A 23 -11.44 7.73 15.75
C ILE A 23 -12.37 6.59 16.14
N ILE A 24 -12.24 5.47 15.44
CA ILE A 24 -12.99 4.29 15.80
C ILE A 24 -12.08 3.55 16.74
N ASN A 25 -12.48 3.50 18.00
CA ASN A 25 -11.60 2.99 19.03
C ASN A 25 -12.21 1.74 19.61
N ASN A 26 -11.76 0.59 19.10
CA ASN A 26 -12.34 -0.66 19.50
C ASN A 26 -11.54 -1.34 20.58
N HIS A 27 -12.16 -1.48 21.73
CA HIS A 27 -11.48 -2.04 22.88
C HIS A 27 -12.11 -3.36 23.26
N ASN A 28 -13.43 -3.36 23.32
CA ASN A 28 -14.17 -4.46 23.88
C ASN A 28 -14.58 -5.46 22.82
N PHE A 29 -13.95 -6.62 22.84
CA PHE A 29 -14.26 -7.64 21.84
C PHE A 29 -15.04 -8.79 22.41
N ALA A 30 -15.69 -8.55 23.54
CA ALA A 30 -16.58 -9.53 24.12
C ALA A 30 -17.53 -10.09 23.07
N LYS A 31 -18.12 -9.20 22.26
CA LYS A 31 -19.06 -9.64 21.25
CA LYS A 31 -19.07 -9.64 21.26
C LYS A 31 -18.39 -10.55 20.25
N ALA A 32 -17.23 -10.12 19.78
CA ALA A 32 -16.45 -10.94 18.87
C ALA A 32 -16.25 -12.31 19.49
N ARG A 33 -15.88 -12.32 20.76
CA ARG A 33 -15.55 -13.56 21.45
C ARG A 33 -16.79 -14.43 21.55
N GLU A 34 -17.92 -13.77 21.70
CA GLU A 34 -19.18 -14.47 21.81
C GLU A 34 -19.68 -14.94 20.45
N LYS A 35 -19.47 -14.11 19.44
CA LYS A 35 -20.19 -14.27 18.18
C LYS A 35 -19.40 -14.90 17.04
N VAL A 36 -18.08 -14.87 17.11
CA VAL A 36 -17.26 -15.33 16.02
C VAL A 36 -16.32 -16.41 16.54
N PRO A 37 -16.61 -17.67 16.20
CA PRO A 37 -15.84 -18.79 16.75
C PRO A 37 -14.34 -18.54 16.68
N LYS A 38 -13.83 -18.11 15.54
CA LYS A 38 -12.39 -17.98 15.38
C LYS A 38 -11.84 -16.83 16.20
N LEU A 39 -12.73 -16.01 16.72
CA LEU A 39 -12.32 -14.89 17.55
C LEU A 39 -12.69 -15.17 18.99
N HIS A 40 -13.02 -16.41 19.29
CA HIS A 40 -13.48 -16.75 20.63
C HIS A 40 -12.52 -16.26 21.69
N SER A 41 -11.23 -16.19 21.35
CA SER A 41 -10.23 -15.81 22.35
C SER A 41 -9.64 -14.46 22.05
N ILE A 42 -10.20 -13.77 21.07
CA ILE A 42 -9.65 -12.48 20.71
C ILE A 42 -9.75 -11.60 21.93
N ARG A 43 -8.68 -10.88 22.22
CA ARG A 43 -8.59 -10.12 23.45
C ARG A 43 -9.14 -8.73 23.30
N ASP A 44 -9.57 -8.16 24.41
CA ASP A 44 -9.90 -6.75 24.41
C ASP A 44 -8.61 -6.02 24.14
N ARG A 45 -8.72 -4.83 23.58
CA ARG A 45 -7.53 -4.09 23.20
C ARG A 45 -7.19 -3.08 24.27
N ASN A 46 -6.83 -3.58 25.45
CA ASN A 46 -6.39 -2.71 26.52
C ASN A 46 -5.29 -1.79 26.02
N GLY A 47 -5.36 -0.53 26.40
CA GLY A 47 -4.37 0.45 25.98
C GLY A 47 -4.86 1.27 24.81
N THR A 48 -5.89 0.78 24.14
CA THR A 48 -6.36 1.48 22.97
C THR A 48 -6.84 2.88 23.30
N HIS A 49 -7.36 3.05 24.51
CA HIS A 49 -7.81 4.37 24.91
CA HIS A 49 -7.80 4.37 24.94
C HIS A 49 -6.66 5.38 24.83
N LEU A 50 -5.45 4.91 25.11
CA LEU A 50 -4.28 5.77 25.05
C LEU A 50 -3.99 6.21 23.62
N ASP A 51 -4.27 5.32 22.67
CA ASP A 51 -4.15 5.67 21.28
C ASP A 51 -5.18 6.70 20.95
N ALA A 52 -6.41 6.44 21.37
CA ALA A 52 -7.50 7.36 21.12
C ALA A 52 -7.15 8.73 21.67
N GLY A 53 -6.65 8.76 22.90
CA GLY A 53 -6.25 10.00 23.52
C GLY A 53 -5.13 10.66 22.73
N ALA A 54 -4.11 9.88 22.38
CA ALA A 54 -3.00 10.42 21.61
C ALA A 54 -3.51 11.01 20.30
N LEU A 55 -4.35 10.26 19.60
CA LEU A 55 -4.88 10.73 18.32
C LEU A 55 -5.69 11.98 18.53
N THR A 56 -6.51 11.95 19.58
CA THR A 56 -7.37 13.08 19.88
C THR A 56 -6.54 14.33 20.12
N THR A 57 -5.56 14.23 21.01
CA THR A 57 -4.83 15.44 21.35
C THR A 57 -3.99 15.89 20.17
N THR A 58 -3.44 14.92 19.45
CA THR A 58 -2.56 15.27 18.35
C THR A 58 -3.35 15.96 17.26
N PHE A 59 -4.48 15.38 16.92
CA PHE A 59 -5.24 15.95 15.84
C PHE A 59 -6.04 17.17 16.24
N GLU A 60 -6.34 17.31 17.52
CA GLU A 60 -6.90 18.57 17.97
C GLU A 60 -5.86 19.65 17.75
N GLU A 61 -4.62 19.35 18.13
CA GLU A 61 -3.54 20.32 17.95
C GLU A 61 -3.45 20.71 16.49
N LEU A 62 -3.72 19.75 15.62
CA LEU A 62 -3.67 19.99 14.18
C LEU A 62 -4.99 20.54 13.66
N HIS A 63 -5.85 20.90 14.61
CA HIS A 63 -7.09 21.61 14.29
C HIS A 63 -8.12 20.74 13.62
N PHE A 64 -8.06 19.44 13.91
CA PHE A 64 -9.14 18.57 13.51
C PHE A 64 -10.17 18.50 14.60
N GLU A 65 -11.41 18.28 14.18
CA GLU A 65 -12.46 18.02 15.10
C GLU A 65 -12.46 16.53 15.29
N ILE A 66 -12.17 16.11 16.51
CA ILE A 66 -12.01 14.71 16.80
C ILE A 66 -13.38 14.12 17.02
N LYS A 67 -13.61 12.96 16.40
CA LYS A 67 -14.90 12.30 16.45
C LYS A 67 -14.66 10.87 16.85
N PRO A 68 -14.61 10.65 18.16
CA PRO A 68 -14.30 9.31 18.64
C PRO A 68 -15.56 8.47 18.67
N HIS A 69 -15.40 7.19 18.37
CA HIS A 69 -16.47 6.24 18.54
C HIS A 69 -15.83 5.01 19.10
N ASP A 70 -16.28 4.62 20.29
CA ASP A 70 -15.68 3.49 20.97
C ASP A 70 -16.44 2.22 20.69
N ASP A 71 -15.70 1.12 20.60
CA ASP A 71 -16.31 -0.20 20.55
C ASP A 71 -17.39 -0.27 19.50
N CYS A 72 -16.97 -0.08 18.25
CA CYS A 72 -17.89 -0.14 17.15
C CYS A 72 -17.86 -1.51 16.55
N THR A 73 -19.05 -2.05 16.39
CA THR A 73 -19.22 -3.26 15.63
C THR A 73 -18.97 -2.81 14.22
N VAL A 74 -18.85 -3.75 13.30
CA VAL A 74 -18.59 -3.37 11.92
C VAL A 74 -19.74 -2.56 11.38
N GLU A 75 -20.95 -3.01 11.64
CA GLU A 75 -22.10 -2.27 11.15
C GLU A 75 -22.06 -0.84 11.66
N GLN A 76 -21.72 -0.66 12.93
CA GLN A 76 -21.66 0.69 13.45
C GLN A 76 -20.56 1.46 12.76
N ILE A 77 -19.44 0.81 12.51
CA ILE A 77 -18.37 1.48 11.79
C ILE A 77 -18.89 1.97 10.45
N TYR A 78 -19.52 1.08 9.69
CA TYR A 78 -20.03 1.48 8.38
C TYR A 78 -21.01 2.63 8.53
N GLU A 79 -21.88 2.54 9.53
CA GLU A 79 -22.88 3.59 9.70
C GLU A 79 -22.22 4.91 10.05
N ILE A 80 -21.24 4.87 10.93
CA ILE A 80 -20.52 6.09 11.27
C ILE A 80 -19.82 6.62 10.03
N LEU A 81 -19.08 5.74 9.36
CA LEU A 81 -18.35 6.16 8.18
C LEU A 81 -19.29 6.71 7.13
N LYS A 82 -20.46 6.11 7.02
CA LYS A 82 -21.44 6.56 6.05
C LYS A 82 -21.77 8.03 6.29
N ILE A 83 -21.94 8.40 7.54
CA ILE A 83 -22.23 9.77 7.87
C ILE A 83 -21.12 10.65 7.34
N TYR A 84 -19.88 10.28 7.65
CA TYR A 84 -18.76 11.07 7.17
C TYR A 84 -18.63 11.01 5.67
N GLN A 85 -18.98 9.88 5.10
CA GLN A 85 -18.93 9.77 3.67
C GLN A 85 -19.97 10.69 3.07
N LEU A 86 -21.13 10.76 3.71
CA LEU A 86 -22.26 11.47 3.14
C LEU A 86 -22.24 12.95 3.40
N MET A 87 -21.62 13.35 4.50
CA MET A 87 -21.74 14.74 4.90
C MET A 87 -20.93 15.64 3.99
N ASP A 88 -21.10 16.92 4.20
CA ASP A 88 -20.47 17.89 3.34
C ASP A 88 -19.20 18.39 4.00
N HIS A 89 -18.07 17.98 3.45
CA HIS A 89 -16.78 18.39 3.99
C HIS A 89 -16.23 19.58 3.24
N SER A 90 -17.11 20.27 2.51
CA SER A 90 -16.68 21.38 1.66
C SER A 90 -15.82 22.36 2.41
N ASN A 91 -16.17 22.59 3.67
CA ASN A 91 -15.48 23.59 4.45
C ASN A 91 -14.29 22.99 5.17
N MET A 92 -14.11 21.69 4.97
CA MET A 92 -12.98 20.98 5.57
C MET A 92 -11.89 20.88 4.53
N ASP A 93 -10.66 20.74 4.99
CA ASP A 93 -9.53 20.57 4.09
C ASP A 93 -9.01 19.16 4.11
N CYS A 94 -9.56 18.33 4.98
CA CYS A 94 -8.98 17.04 5.21
C CYS A 94 -9.97 16.19 5.95
N PHE A 95 -9.81 14.88 5.83
CA PHE A 95 -10.60 13.96 6.61
C PHE A 95 -9.65 12.92 7.09
N ILE A 96 -9.72 12.63 8.38
CA ILE A 96 -8.86 11.61 8.93
C ILE A 96 -9.73 10.60 9.62
N CYS A 97 -9.44 9.34 9.38
CA CYS A 97 -10.17 8.30 10.05
C CYS A 97 -9.15 7.38 10.68
N CYS A 98 -9.20 7.24 11.99
CA CYS A 98 -8.32 6.31 12.64
C CYS A 98 -9.15 5.15 13.08
N ILE A 99 -8.69 3.95 12.78
CA ILE A 99 -9.38 2.76 13.24
C ILE A 99 -8.41 2.07 14.16
N LEU A 100 -8.83 1.85 15.39
CA LEU A 100 -8.00 1.18 16.35
C LEU A 100 -8.77 -0.06 16.68
N SER A 101 -8.27 -1.20 16.28
CA SER A 101 -9.06 -2.38 16.49
C SER A 101 -8.19 -3.56 16.26
N HIS A 102 -8.79 -4.72 16.38
CA HIS A 102 -8.16 -5.91 15.88
C HIS A 102 -8.36 -5.93 14.40
N GLY A 103 -7.58 -6.75 13.74
CA GLY A 103 -7.72 -6.82 12.32
C GLY A 103 -7.10 -8.12 11.88
N ASP A 104 -7.17 -8.34 10.58
CA ASP A 104 -6.55 -9.48 10.00
C ASP A 104 -6.19 -8.95 8.63
N LYS A 105 -5.68 -9.83 7.78
CA LYS A 105 -5.25 -9.42 6.44
C LYS A 105 -6.30 -8.54 5.79
N GLY A 106 -5.99 -7.26 5.65
CA GLY A 106 -6.80 -6.36 4.86
C GLY A 106 -8.08 -5.90 5.53
N ILE A 107 -8.31 -6.36 6.75
CA ILE A 107 -9.57 -6.04 7.40
C ILE A 107 -9.32 -5.53 8.79
N ILE A 108 -10.30 -4.83 9.33
CA ILE A 108 -10.31 -4.57 10.74
C ILE A 108 -11.56 -5.22 11.27
N TYR A 109 -11.53 -5.57 12.53
CA TYR A 109 -12.68 -6.20 13.15
C TYR A 109 -13.50 -5.16 13.84
N GLY A 110 -14.81 -5.30 13.72
CA GLY A 110 -15.69 -4.61 14.63
C GLY A 110 -15.52 -5.33 15.95
N THR A 111 -15.96 -4.70 17.02
CA THR A 111 -15.93 -5.32 18.33
C THR A 111 -16.82 -6.56 18.35
N ASP A 112 -17.72 -6.65 17.38
CA ASP A 112 -18.58 -7.82 17.25
C ASP A 112 -17.86 -8.94 16.52
N GLY A 113 -16.63 -8.68 16.12
CA GLY A 113 -15.85 -9.69 15.44
C GLY A 113 -16.17 -9.80 13.97
N GLN A 114 -17.09 -8.97 13.50
CA GLN A 114 -17.32 -8.90 12.07
C GLN A 114 -16.14 -8.22 11.43
N GLU A 115 -15.94 -8.46 10.14
CA GLU A 115 -14.81 -7.91 9.46
C GLU A 115 -15.22 -6.73 8.60
N ALA A 116 -14.40 -5.70 8.63
CA ALA A 116 -14.56 -4.56 7.76
C ALA A 116 -13.28 -4.50 6.94
N PRO A 117 -13.36 -4.83 5.66
CA PRO A 117 -12.18 -4.67 4.81
C PRO A 117 -11.78 -3.20 4.79
N ILE A 118 -10.51 -2.94 5.07
CA ILE A 118 -10.01 -1.58 5.15
C ILE A 118 -10.36 -0.82 3.88
N TYR A 119 -10.19 -1.50 2.76
CA TYR A 119 -10.54 -0.91 1.48
C TYR A 119 -12.01 -0.52 1.46
N GLU A 120 -12.84 -1.33 2.09
CA GLU A 120 -14.26 -1.02 2.17
C GLU A 120 -14.46 0.28 2.93
N LEU A 121 -13.65 0.47 3.97
CA LEU A 121 -13.69 1.69 4.77
C LEU A 121 -13.18 2.88 3.97
N THR A 122 -11.96 2.78 3.49
CA THR A 122 -11.34 3.92 2.83
C THR A 122 -12.08 4.28 1.56
N SER A 123 -12.67 3.29 0.91
CA SER A 123 -13.31 3.51 -0.38
C SER A 123 -14.58 4.32 -0.21
N GLN A 124 -15.01 4.49 1.04
CA GLN A 124 -16.18 5.30 1.30
C GLN A 124 -15.88 6.77 1.07
N PHE A 125 -14.62 7.09 0.84
CA PHE A 125 -14.26 8.51 0.80
C PHE A 125 -13.62 8.92 -0.49
N THR A 126 -13.84 8.11 -1.52
CA THR A 126 -13.39 8.44 -2.84
C THR A 126 -14.07 9.73 -3.23
N GLY A 127 -13.51 10.41 -4.23
CA GLY A 127 -14.10 11.64 -4.71
C GLY A 127 -15.55 11.45 -5.08
N LEU A 128 -15.88 10.30 -5.65
CA LEU A 128 -17.26 10.02 -6.01
C LEU A 128 -18.13 9.80 -4.79
N LYS A 129 -17.62 9.04 -3.84
CA LYS A 129 -18.39 8.73 -2.66
C LYS A 129 -18.58 9.99 -1.84
N CYS A 130 -17.54 10.81 -1.82
CA CYS A 130 -17.53 11.99 -0.98
C CYS A 130 -16.89 13.15 -1.72
N PRO A 131 -17.63 13.74 -2.65
CA PRO A 131 -17.10 14.79 -3.53
C PRO A 131 -16.60 16.00 -2.75
N SER A 132 -17.20 16.28 -1.60
CA SER A 132 -16.77 17.44 -0.81
C SER A 132 -15.37 17.22 -0.26
N LEU A 133 -14.89 15.99 -0.35
CA LEU A 133 -13.51 15.73 0.03
C LEU A 133 -12.63 15.54 -1.19
N ALA A 134 -13.23 15.68 -2.36
CA ALA A 134 -12.47 15.52 -3.60
C ALA A 134 -11.31 16.50 -3.57
N GLY A 135 -10.12 16.00 -3.91
CA GLY A 135 -8.94 16.84 -3.97
C GLY A 135 -8.38 17.13 -2.59
N LYS A 136 -9.03 16.58 -1.57
CA LYS A 136 -8.59 16.79 -0.21
C LYS A 136 -8.04 15.51 0.36
N PRO A 137 -6.99 15.63 1.17
CA PRO A 137 -6.35 14.45 1.76
C PRO A 137 -7.37 13.67 2.57
N LYS A 138 -7.48 12.38 2.30
CA LYS A 138 -8.27 11.51 3.15
C LYS A 138 -7.29 10.55 3.78
N VAL A 139 -7.18 10.63 5.09
CA VAL A 139 -6.15 9.90 5.77
C VAL A 139 -6.78 8.88 6.67
N PHE A 140 -6.33 7.65 6.54
CA PHE A 140 -6.80 6.59 7.38
C PHE A 140 -5.61 6.01 8.07
N PHE A 141 -5.68 5.97 9.39
CA PHE A 141 -4.65 5.32 10.15
C PHE A 141 -5.30 4.10 10.69
N ILE A 142 -4.74 2.95 10.38
CA ILE A 142 -5.35 1.72 10.79
C ILE A 142 -4.40 1.07 11.76
N GLN A 143 -4.80 1.07 13.00
CA GLN A 143 -4.04 0.40 14.02
C GLN A 143 -4.77 -0.88 14.28
N ALA A 144 -4.33 -1.94 13.61
CA ALA A 144 -4.93 -3.24 13.79
C ALA A 144 -3.86 -4.20 13.38
N CYS A 145 -3.98 -5.43 13.83
CA CYS A 145 -3.21 -6.48 13.20
C CYS A 145 -3.72 -6.66 11.80
N GLN A 146 -2.86 -7.18 10.95
CA GLN A 146 -3.22 -7.52 9.60
C GLN A 146 -2.96 -9.00 9.40
N GLY A 147 -3.04 -9.73 10.52
CA GLY A 147 -2.78 -11.14 10.54
C GLY A 147 -2.23 -11.47 11.91
N ASP A 148 -1.82 -12.71 12.12
CA ASP A 148 -1.31 -13.05 13.43
C ASP A 148 0.17 -13.38 13.35
N ASN A 149 0.76 -13.15 12.19
CA ASN A 149 2.18 -13.40 12.06
C ASN A 149 2.99 -12.36 12.80
N TYR A 150 4.08 -12.80 13.40
CA TYR A 150 5.05 -11.87 13.93
C TYR A 150 5.97 -11.49 12.79
N GLN A 151 6.04 -10.19 12.54
CA GLN A 151 6.99 -9.69 11.57
C GLN A 151 8.36 -10.04 12.13
N LYS A 152 9.15 -10.76 11.34
CA LYS A 152 10.48 -11.13 11.77
C LYS A 152 11.39 -9.93 11.72
N GLY A 153 12.42 -9.96 12.56
CA GLY A 153 13.42 -8.91 12.59
C GLY A 153 14.66 -9.43 11.92
N ILE A 154 15.35 -8.54 11.22
CA ILE A 154 16.62 -8.89 10.61
C ILE A 154 17.67 -7.89 11.06
N PRO A 155 18.90 -8.37 11.26
CA PRO A 155 19.98 -7.51 11.74
C PRO A 155 20.46 -6.54 10.66
N VAL A 156 20.80 -5.31 11.07
CA VAL A 156 21.37 -4.33 10.16
C VAL A 156 22.49 -3.55 10.83
N TYR B 17 -9.84 17.28 -13.64
CA TYR B 17 -10.30 16.10 -12.92
C TYR B 17 -9.13 15.33 -12.33
N ILE B 18 -9.35 14.76 -11.16
CA ILE B 18 -8.35 13.92 -10.53
C ILE B 18 -8.97 12.55 -10.24
N PRO B 19 -8.14 11.51 -10.14
CA PRO B 19 -8.68 10.17 -9.93
C PRO B 19 -9.58 10.09 -8.70
N ASP B 20 -10.56 9.21 -8.81
CA ASP B 20 -11.49 8.93 -7.73
C ASP B 20 -10.77 8.60 -6.44
N GLU B 21 -9.66 7.89 -6.55
CA GLU B 21 -8.96 7.41 -5.38
C GLU B 21 -7.71 8.23 -5.08
N ALA B 22 -7.66 9.43 -5.62
CA ALA B 22 -6.54 10.31 -5.35
C ALA B 22 -6.66 10.79 -3.92
N ASP B 23 -5.54 11.22 -3.36
CA ASP B 23 -5.53 12.01 -2.14
C ASP B 23 -5.85 11.16 -0.94
N PHE B 24 -5.57 9.88 -1.04
CA PHE B 24 -5.70 8.99 0.09
C PHE B 24 -4.36 8.75 0.70
N LEU B 25 -4.35 8.71 2.01
CA LEU B 25 -3.21 8.23 2.70
C LEU B 25 -3.71 7.12 3.59
N LEU B 26 -3.14 5.95 3.44
CA LEU B 26 -3.49 4.88 4.34
C LEU B 26 -2.27 4.60 5.17
N GLY B 27 -2.38 4.83 6.46
CA GLY B 27 -1.30 4.53 7.36
C GLY B 27 -1.62 3.24 8.07
N MET B 28 -1.03 2.14 7.60
CA MET B 28 -1.22 0.84 8.22
C MET B 28 -0.22 0.68 9.34
N ALA B 29 -0.66 0.19 10.49
CA ALA B 29 0.23 -0.02 11.62
C ALA B 29 1.20 -1.13 11.27
N THR B 30 0.77 -1.98 10.36
CA THR B 30 1.58 -3.13 9.99
C THR B 30 1.32 -3.55 8.56
N VAL B 31 2.35 -4.11 7.95
CA VAL B 31 2.20 -4.75 6.68
C VAL B 31 1.23 -5.90 6.86
N ASN B 32 0.71 -6.39 5.74
CA ASN B 32 -0.22 -7.50 5.74
CA ASN B 32 -0.23 -7.50 5.75
C ASN B 32 0.33 -8.72 6.47
N ASN B 33 -0.58 -9.56 6.96
CA ASN B 33 -0.26 -10.86 7.55
C ASN B 33 0.30 -10.80 8.95
N CYS B 34 0.60 -9.59 9.40
CA CYS B 34 1.33 -9.46 10.65
C CYS B 34 0.55 -8.74 11.72
N VAL B 35 0.97 -8.99 12.94
CA VAL B 35 0.40 -8.33 14.08
C VAL B 35 0.93 -6.91 14.12
N SER B 36 0.18 -6.05 14.77
CA SER B 36 0.74 -4.79 15.18
C SER B 36 0.62 -4.87 16.67
N TYR B 37 1.42 -4.07 17.35
CA TYR B 37 1.55 -4.22 18.78
C TYR B 37 0.88 -3.12 19.52
N ARG B 38 0.26 -3.53 20.61
CA ARG B 38 -0.40 -2.61 21.47
C ARG B 38 0.15 -2.87 22.85
N ASN B 39 0.66 -1.82 23.46
CA ASN B 39 1.08 -1.87 24.82
C ASN B 39 -0.08 -1.33 25.64
N PRO B 40 -0.69 -2.20 26.47
CA PRO B 40 -1.86 -1.78 27.23
C PRO B 40 -1.56 -0.54 28.06
N ALA B 41 -0.29 -0.34 28.39
CA ALA B 41 0.10 0.76 29.27
C ALA B 41 0.46 2.01 28.49
N GLU B 42 0.64 1.89 27.18
CA GLU B 42 1.17 3.03 26.43
C GLU B 42 0.41 3.30 25.14
N GLY B 43 -0.32 2.31 24.66
CA GLY B 43 -1.00 2.44 23.40
C GLY B 43 -0.22 1.63 22.41
N THR B 44 -0.56 1.77 21.15
CA THR B 44 0.04 0.94 20.13
C THR B 44 1.32 1.55 19.62
N TRP B 45 2.25 0.69 19.22
CA TRP B 45 3.51 1.15 18.69
C TRP B 45 3.22 2.17 17.62
N TYR B 46 2.31 1.82 16.73
CA TYR B 46 2.12 2.62 15.56
C TYR B 46 1.49 3.96 15.91
N ILE B 47 0.35 3.90 16.59
CA ILE B 47 -0.38 5.14 16.83
C ILE B 47 0.42 6.09 17.70
N GLN B 48 1.09 5.52 18.70
CA GLN B 48 1.90 6.33 19.60
C GLN B 48 3.03 7.00 18.84
N SER B 49 3.72 6.23 18.01
CA SER B 49 4.79 6.78 17.19
CA SER B 49 4.79 6.79 17.20
C SER B 49 4.24 7.84 16.24
N LEU B 50 3.10 7.53 15.64
CA LEU B 50 2.49 8.44 14.70
C LEU B 50 2.21 9.77 15.40
N CYS B 51 1.53 9.69 16.52
CA CYS B 51 1.18 10.91 17.23
C CYS B 51 2.41 11.66 17.68
N GLN B 52 3.37 10.93 18.23
CA GLN B 52 4.61 11.53 18.61
C GLN B 52 5.18 12.25 17.40
N SER B 53 5.30 11.55 16.29
CA SER B 53 5.88 12.14 15.10
C SER B 53 5.09 13.35 14.62
N LEU B 54 3.77 13.21 14.61
CA LEU B 54 2.93 14.30 14.15
C LEU B 54 3.12 15.50 15.04
N ARG B 55 3.07 15.27 16.34
CA ARG B 55 3.19 16.34 17.31
C ARG B 55 4.54 17.02 17.14
N GLU B 56 5.57 16.23 16.89
CA GLU B 56 6.92 16.75 16.83
C GLU B 56 7.22 17.43 15.50
N ARG B 57 6.68 16.88 14.43
CA ARG B 57 7.11 17.26 13.09
C ARG B 57 6.15 18.16 12.33
N CYS B 58 4.86 18.06 12.64
CA CYS B 58 3.91 18.93 11.96
C CYS B 58 4.22 20.41 12.18
N PRO B 59 4.59 20.79 13.41
CA PRO B 59 4.97 22.19 13.64
C PRO B 59 6.21 22.57 12.85
N ARG B 60 7.01 21.57 12.48
CA ARG B 60 8.20 21.80 11.68
C ARG B 60 7.84 21.87 10.20
N GLY B 61 6.57 21.64 9.91
CA GLY B 61 6.07 21.70 8.55
C GLY B 61 6.40 20.42 7.78
N ASP B 62 6.79 19.38 8.50
CA ASP B 62 7.07 18.11 7.87
C ASP B 62 5.78 17.56 7.32
N ASP B 63 5.84 16.98 6.14
CA ASP B 63 4.66 16.42 5.54
C ASP B 63 4.43 15.04 6.10
N ILE B 64 3.26 14.51 5.83
CA ILE B 64 2.86 13.27 6.46
C ILE B 64 3.69 12.08 6.01
N LEU B 65 4.21 12.13 4.78
CA LEU B 65 4.96 10.98 4.29
C LEU B 65 6.30 10.91 5.00
N THR B 66 6.85 12.08 5.28
CA THR B 66 8.08 12.19 6.02
C THR B 66 7.83 11.69 7.42
N ILE B 67 6.70 12.11 7.97
CA ILE B 67 6.32 11.69 9.30
C ILE B 67 6.09 10.18 9.34
N LEU B 68 5.39 9.66 8.34
CA LEU B 68 5.09 8.23 8.34
C LEU B 68 6.38 7.46 8.16
N THR B 69 7.30 8.04 7.41
CA THR B 69 8.60 7.41 7.25
C THR B 69 9.27 7.34 8.60
N GLU B 70 9.21 8.43 9.36
CA GLU B 70 9.77 8.41 10.69
C GLU B 70 9.03 7.38 11.54
N VAL B 71 7.72 7.30 11.37
CA VAL B 71 6.97 6.29 12.10
C VAL B 71 7.48 4.92 11.73
N ASN B 72 7.69 4.70 10.44
CA ASN B 72 8.21 3.42 10.01
C ASN B 72 9.50 3.15 10.73
N TYR B 73 10.36 4.17 10.73
CA TYR B 73 11.64 4.04 11.37
C TYR B 73 11.49 3.70 12.84
N GLU B 74 10.65 4.46 13.52
CA GLU B 74 10.48 4.31 14.95
C GLU B 74 9.92 2.95 15.28
N VAL B 75 8.83 2.60 14.64
CA VAL B 75 8.16 1.36 14.93
C VAL B 75 9.07 0.20 14.56
N SER B 76 9.83 0.36 13.49
CA SER B 76 10.75 -0.68 13.06
C SER B 76 11.80 -0.98 14.09
N ASN B 77 12.04 -0.02 14.98
CA ASN B 77 13.06 -0.18 16.00
C ASN B 77 12.51 -0.79 17.27
N LYS B 78 11.20 -0.99 17.29
CA LYS B 78 10.56 -1.61 18.43
C LYS B 78 10.64 -3.12 18.28
N ASP B 79 10.62 -3.82 19.41
CA ASP B 79 10.77 -5.26 19.39
C ASP B 79 9.78 -5.92 20.32
N ASP B 80 9.17 -6.99 19.83
CA ASP B 80 8.42 -7.90 20.68
C ASP B 80 9.38 -9.03 20.98
N LYS B 81 10.21 -8.84 21.99
CA LYS B 81 11.29 -9.78 22.25
C LYS B 81 10.76 -11.20 22.42
N LYS B 82 9.65 -11.34 23.14
CA LYS B 82 9.04 -12.64 23.37
C LYS B 82 8.98 -13.47 22.09
N ASN B 83 8.50 -12.83 21.02
CA ASN B 83 8.29 -13.52 19.77
C ASN B 83 9.31 -13.13 18.73
N MET B 84 10.38 -12.47 19.18
CA MET B 84 11.38 -11.97 18.27
C MET B 84 10.63 -11.17 17.24
N GLY B 85 9.59 -10.49 17.68
CA GLY B 85 8.65 -9.87 16.78
C GLY B 85 8.99 -8.43 16.48
N LYS B 86 8.69 -8.04 15.25
CA LYS B 86 8.85 -6.66 14.84
C LYS B 86 7.52 -6.18 14.35
N GLN B 87 7.47 -4.91 13.99
CA GLN B 87 6.28 -4.41 13.40
C GLN B 87 6.70 -3.43 12.35
N MET B 88 6.12 -3.59 11.18
CA MET B 88 6.48 -2.77 10.06
C MET B 88 5.24 -2.07 9.59
N PRO B 89 5.07 -0.81 9.98
CA PRO B 89 3.94 -0.03 9.47
C PRO B 89 4.19 0.16 8.00
N GLN B 90 3.13 0.49 7.29
CA GLN B 90 3.26 0.56 5.87
C GLN B 90 2.25 1.53 5.37
N PRO B 91 2.70 2.75 5.07
CA PRO B 91 1.74 3.68 4.51
C PRO B 91 1.55 3.35 3.05
N THR B 92 0.36 3.61 2.54
CA THR B 92 0.11 3.54 1.13
C THR B 92 -0.53 4.88 0.87
N PHE B 93 -0.28 5.45 -0.29
CA PHE B 93 -0.83 6.76 -0.52
C PHE B 93 -1.07 7.08 -1.97
N THR B 94 -2.09 7.88 -2.21
CA THR B 94 -2.33 8.42 -3.51
C THR B 94 -2.38 9.93 -3.37
N LEU B 95 -1.80 10.42 -2.27
CA LEU B 95 -1.61 11.85 -2.09
C LEU B 95 -0.96 12.40 -3.34
N ARG B 96 -1.47 13.53 -3.80
CA ARG B 96 -0.93 14.18 -4.99
C ARG B 96 -0.16 15.41 -4.58
N LYS B 97 -0.29 15.75 -3.32
CA LYS B 97 0.36 16.92 -2.79
C LYS B 97 1.01 16.54 -1.50
N LYS B 98 1.91 17.40 -1.03
CA LYS B 98 2.44 17.24 0.30
C LYS B 98 1.28 17.42 1.22
N LEU B 99 1.17 16.51 2.17
CA LEU B 99 0.17 16.67 3.18
C LEU B 99 0.87 17.16 4.43
N VAL B 100 0.63 18.42 4.76
CA VAL B 100 1.16 18.97 5.98
C VAL B 100 0.00 19.39 6.84
N PHE B 101 0.22 19.32 8.15
CA PHE B 101 -0.79 19.75 9.12
C PHE B 101 -0.24 20.94 9.89
N PRO B 102 -0.43 22.14 9.34
CA PRO B 102 0.12 23.38 9.88
C PRO B 102 -0.70 23.84 11.08
N SER B 103 -0.29 24.97 11.65
CA SER B 103 -1.03 25.61 12.73
C SER B 103 -2.15 26.48 12.17
N ASP C 8 14.85 14.12 7.69
CA ASP C 8 15.73 13.63 8.74
C ASP C 8 16.62 12.48 8.24
N LYS C 9 16.33 11.26 8.69
CA LYS C 9 17.14 10.11 8.29
C LYS C 9 16.97 9.84 6.80
N VAL C 10 18.08 9.60 6.14
CA VAL C 10 18.06 9.40 4.71
C VAL C 10 18.86 8.15 4.43
N TYR C 11 18.35 7.33 3.53
CA TYR C 11 19.10 6.15 3.16
C TYR C 11 20.40 6.58 2.56
N GLN C 12 21.47 5.97 3.03
CA GLN C 12 22.75 6.12 2.38
C GLN C 12 22.51 5.81 0.92
N MET C 13 23.03 6.68 0.05
CA MET C 13 22.83 6.52 -1.37
C MET C 13 24.03 7.14 -2.06
N LYS C 14 25.15 6.44 -2.03
CA LYS C 14 26.37 7.05 -2.51
C LYS C 14 27.25 6.00 -3.15
N SER C 15 26.88 4.73 -2.99
CA SER C 15 27.67 3.67 -3.57
C SER C 15 27.66 3.84 -5.08
N LYS C 16 28.71 3.37 -5.74
CA LYS C 16 28.82 3.49 -7.17
C LYS C 16 29.05 2.10 -7.71
N PRO C 17 28.01 1.51 -8.30
CA PRO C 17 26.70 2.14 -8.49
C PRO C 17 25.89 2.15 -7.20
N ARG C 18 24.76 2.83 -7.21
CA ARG C 18 23.87 2.88 -6.07
C ARG C 18 23.38 1.48 -5.78
N GLY C 19 23.29 0.72 -6.84
CA GLY C 19 22.76 -0.62 -6.76
C GLY C 19 22.27 -0.93 -8.14
N TYR C 20 21.63 -2.06 -8.26
CA TYR C 20 21.08 -2.44 -9.52
C TYR C 20 19.72 -1.84 -9.67
N CYS C 21 19.45 -1.40 -10.87
CA CYS C 21 18.11 -1.05 -11.23
C CYS C 21 17.70 -2.10 -12.21
N LEU C 22 17.03 -3.10 -11.68
CA LEU C 22 16.57 -4.19 -12.50
C LEU C 22 15.34 -3.71 -13.22
N ILE C 23 15.36 -3.78 -14.54
CA ILE C 23 14.16 -3.43 -15.27
C ILE C 23 13.66 -4.63 -16.00
N ILE C 24 12.47 -5.08 -15.60
CA ILE C 24 11.83 -6.14 -16.31
C ILE C 24 10.90 -5.42 -17.24
N ASN C 25 11.21 -5.49 -18.52
CA ASN C 25 10.51 -4.69 -19.49
C ASN C 25 9.76 -5.62 -20.39
N ASN C 26 8.50 -5.84 -20.05
CA ASN C 26 7.70 -6.77 -20.79
C ASN C 26 6.90 -6.05 -21.85
N HIS C 27 7.24 -6.33 -23.09
CA HIS C 27 6.57 -5.74 -24.22
C HIS C 27 5.76 -6.78 -24.93
N ASN C 28 6.39 -7.92 -25.22
CA ASN C 28 5.79 -8.92 -26.08
C ASN C 28 5.00 -9.95 -25.29
N PHE C 29 3.69 -9.96 -25.49
CA PHE C 29 2.83 -10.87 -24.75
C PHE C 29 2.21 -11.92 -25.64
N ALA C 30 2.90 -12.19 -26.75
CA ALA C 30 2.52 -13.28 -27.63
C ALA C 30 2.33 -14.56 -26.82
N LYS C 31 3.32 -14.88 -25.97
CA LYS C 31 3.24 -16.12 -25.20
C LYS C 31 1.97 -16.16 -24.37
N ALA C 32 1.69 -15.05 -23.68
CA ALA C 32 0.47 -14.96 -22.89
C ALA C 32 -0.73 -15.23 -23.77
N ARG C 33 -0.84 -14.48 -24.85
CA ARG C 33 -1.95 -14.61 -25.78
C ARG C 33 -2.12 -16.05 -26.27
N GLU C 34 -1.00 -16.77 -26.35
CA GLU C 34 -1.02 -18.14 -26.82
C GLU C 34 -1.34 -19.13 -25.70
N LYS C 35 -0.72 -18.93 -24.54
CA LYS C 35 -0.76 -19.92 -23.46
C LYS C 35 -1.95 -19.74 -22.51
N VAL C 36 -2.34 -18.50 -22.27
CA VAL C 36 -3.35 -18.21 -21.26
C VAL C 36 -4.63 -17.70 -21.88
N PRO C 37 -5.63 -18.59 -22.00
CA PRO C 37 -6.89 -18.28 -22.67
C PRO C 37 -7.44 -16.91 -22.31
N LYS C 38 -7.50 -16.58 -21.03
CA LYS C 38 -8.11 -15.32 -20.60
C LYS C 38 -7.27 -14.11 -20.99
N LEU C 39 -6.06 -14.35 -21.48
CA LEU C 39 -5.19 -13.27 -21.92
C LEU C 39 -5.04 -13.30 -23.43
N HIS C 40 -5.98 -13.96 -24.10
CA HIS C 40 -5.93 -14.09 -25.54
C HIS C 40 -5.78 -12.72 -26.21
N SER C 41 -6.40 -11.71 -25.61
CA SER C 41 -6.42 -10.37 -26.19
C SER C 41 -5.38 -9.43 -25.58
N ILE C 42 -4.69 -9.91 -24.55
CA ILE C 42 -3.70 -9.08 -23.88
C ILE C 42 -2.75 -8.52 -24.94
N ARG C 43 -2.59 -7.22 -24.97
CA ARG C 43 -1.82 -6.58 -26.03
C ARG C 43 -0.36 -6.40 -25.66
N ASP C 44 0.49 -6.36 -26.67
CA ASP C 44 1.88 -6.01 -26.44
C ASP C 44 1.92 -4.62 -25.85
N ARG C 45 2.95 -4.34 -25.08
CA ARG C 45 3.01 -3.07 -24.40
C ARG C 45 3.87 -2.09 -25.18
N ASN C 46 3.39 -1.74 -26.36
CA ASN C 46 4.09 -0.79 -27.21
C ASN C 46 4.43 0.46 -26.43
N GLY C 47 5.63 0.98 -26.64
CA GLY C 47 6.06 2.19 -25.98
C GLY C 47 6.75 1.86 -24.68
N THR C 48 6.70 0.60 -24.26
CA THR C 48 7.35 0.27 -23.00
C THR C 48 8.86 0.51 -23.08
N HIS C 49 9.43 0.45 -24.29
CA HIS C 49 10.87 0.67 -24.40
C HIS C 49 11.19 2.08 -23.94
N LEU C 50 10.23 2.99 -24.10
CA LEU C 50 10.41 4.37 -23.70
C LEU C 50 10.47 4.48 -22.18
N ASP C 51 9.69 3.65 -21.51
CA ASP C 51 9.75 3.53 -20.07
C ASP C 51 11.08 2.94 -19.67
N ALA C 52 11.42 1.83 -20.31
CA ALA C 52 12.66 1.15 -19.98
C ALA C 52 13.80 2.13 -20.22
N GLY C 53 13.70 2.87 -21.32
CA GLY C 53 14.72 3.83 -21.68
C GLY C 53 14.76 4.97 -20.69
N ALA C 54 13.61 5.51 -20.33
CA ALA C 54 13.55 6.60 -19.38
C ALA C 54 14.09 6.14 -18.03
N LEU C 55 13.70 4.94 -17.62
CA LEU C 55 14.15 4.42 -16.35
C LEU C 55 15.64 4.23 -16.42
N THR C 56 16.09 3.72 -17.54
CA THR C 56 17.49 3.46 -17.72
C THR C 56 18.23 4.78 -17.66
N THR C 57 17.79 5.73 -18.46
CA THR C 57 18.43 7.03 -18.48
C THR C 57 18.38 7.64 -17.09
N THR C 58 17.19 7.63 -16.51
CA THR C 58 16.99 8.29 -15.22
C THR C 58 17.85 7.66 -14.15
N PHE C 59 17.76 6.34 -14.05
CA PHE C 59 18.48 5.67 -12.98
C PHE C 59 19.95 5.50 -13.25
N GLU C 60 20.31 5.41 -14.52
CA GLU C 60 21.72 5.41 -14.81
C GLU C 60 22.30 6.75 -14.40
N GLU C 61 21.56 7.81 -14.69
CA GLU C 61 21.99 9.16 -14.30
C GLU C 61 22.11 9.27 -12.80
N LEU C 62 21.27 8.51 -12.09
CA LEU C 62 21.31 8.48 -10.63
C LEU C 62 22.29 7.42 -10.16
N HIS C 63 23.09 6.91 -11.09
CA HIS C 63 24.20 6.02 -10.77
C HIS C 63 23.75 4.64 -10.35
N PHE C 64 22.60 4.22 -10.86
CA PHE C 64 22.24 2.84 -10.72
C PHE C 64 22.79 2.08 -11.88
N GLU C 65 23.00 0.80 -11.68
CA GLU C 65 23.47 -0.04 -12.72
C GLU C 65 22.25 -0.70 -13.28
N ILE C 66 21.90 -0.30 -14.50
CA ILE C 66 20.65 -0.70 -15.11
C ILE C 66 20.79 -2.10 -15.64
N LYS C 67 19.88 -2.96 -15.23
CA LYS C 67 19.92 -4.34 -15.66
C LYS C 67 18.58 -4.61 -16.27
N PRO C 68 18.45 -4.24 -17.54
CA PRO C 68 17.18 -4.42 -18.20
C PRO C 68 17.05 -5.83 -18.70
N HIS C 69 15.83 -6.33 -18.62
CA HIS C 69 15.50 -7.63 -19.18
C HIS C 69 14.16 -7.48 -19.83
N ASP C 70 14.14 -7.77 -21.12
CA ASP C 70 12.92 -7.61 -21.89
C ASP C 70 12.16 -8.91 -21.92
N ASP C 71 10.84 -8.79 -21.86
CA ASP C 71 9.98 -9.90 -22.20
C ASP C 71 10.31 -11.12 -21.38
N CYS C 72 10.13 -10.99 -20.08
CA CYS C 72 10.37 -12.07 -19.15
C CYS C 72 9.08 -12.76 -18.81
N THR C 73 9.10 -14.07 -18.94
CA THR C 73 8.02 -14.89 -18.46
C THR C 73 8.11 -14.80 -16.95
N VAL C 74 7.09 -15.27 -16.26
CA VAL C 74 7.13 -15.25 -14.81
C VAL C 74 8.32 -16.04 -14.30
N GLU C 75 8.56 -17.21 -14.87
CA GLU C 75 9.64 -18.05 -14.39
C GLU C 75 10.95 -17.31 -14.57
N GLN C 76 11.07 -16.62 -15.70
CA GLN C 76 12.28 -15.86 -15.97
C GLN C 76 12.39 -14.72 -15.00
N ILE C 77 11.27 -14.04 -14.79
CA ILE C 77 11.26 -12.97 -13.80
C ILE C 77 11.77 -13.53 -12.48
N TYR C 78 11.19 -14.66 -12.04
CA TYR C 78 11.58 -15.25 -10.77
C TYR C 78 13.04 -15.64 -10.74
N GLU C 79 13.52 -16.24 -11.82
CA GLU C 79 14.90 -16.66 -11.87
C GLU C 79 15.81 -15.44 -11.87
N ILE C 80 15.44 -14.43 -12.63
CA ILE C 80 16.23 -13.21 -12.61
C ILE C 80 16.23 -12.61 -11.21
N LEU C 81 15.04 -12.47 -10.62
CA LEU C 81 14.93 -11.84 -9.32
C LEU C 81 15.71 -12.66 -8.31
N LYS C 82 15.66 -13.97 -8.48
CA LYS C 82 16.32 -14.88 -7.57
C LYS C 82 17.80 -14.57 -7.50
N ILE C 83 18.38 -14.26 -8.66
CA ILE C 83 19.78 -13.91 -8.69
C ILE C 83 19.99 -12.64 -7.89
N TYR C 84 19.11 -11.68 -8.09
CA TYR C 84 19.22 -10.46 -7.34
C TYR C 84 18.92 -10.68 -5.87
N GLN C 85 18.01 -11.60 -5.59
CA GLN C 85 17.73 -11.92 -4.20
C GLN C 85 18.94 -12.59 -3.59
N LEU C 86 19.61 -13.42 -4.38
CA LEU C 86 20.65 -14.29 -3.85
C LEU C 86 21.96 -13.58 -3.81
N MET C 87 22.14 -12.63 -4.71
CA MET C 87 23.44 -12.02 -4.85
C MET C 87 23.75 -11.13 -3.67
N ASP C 88 25.01 -10.76 -3.57
CA ASP C 88 25.47 -9.95 -2.48
C ASP C 88 25.39 -8.49 -2.87
N HIS C 89 24.42 -7.78 -2.31
CA HIS C 89 24.29 -6.35 -2.56
C HIS C 89 25.06 -5.51 -1.55
N SER C 90 26.01 -6.12 -0.85
CA SER C 90 26.66 -5.43 0.25
C SER C 90 27.19 -4.06 -0.17
N ASN C 91 27.73 -3.98 -1.37
CA ASN C 91 28.34 -2.73 -1.82
C ASN C 91 27.32 -1.82 -2.48
N MET C 92 26.07 -2.25 -2.46
CA MET C 92 25.01 -1.46 -3.04
C MET C 92 24.30 -0.75 -1.91
N ASP C 93 23.75 0.40 -2.21
CA ASP C 93 23.00 1.16 -1.24
C ASP C 93 21.54 0.99 -1.48
N CYS C 94 21.21 0.36 -2.60
CA CYS C 94 19.84 0.37 -3.01
C CYS C 94 19.58 -0.69 -4.05
N PHE C 95 18.35 -1.16 -4.10
CA PHE C 95 18.02 -2.06 -5.16
C PHE C 95 16.72 -1.54 -5.73
N ILE C 96 16.71 -1.38 -7.04
CA ILE C 96 15.49 -0.94 -7.65
C ILE C 96 15.11 -2.01 -8.60
N CYS C 97 13.84 -2.32 -8.59
CA CYS C 97 13.33 -3.23 -9.57
C CYS C 97 12.13 -2.56 -10.18
N CYS C 98 12.19 -2.41 -11.49
CA CYS C 98 11.06 -1.88 -12.23
C CYS C 98 10.48 -3.01 -13.01
N ILE C 99 9.18 -3.22 -12.86
CA ILE C 99 8.51 -4.16 -13.72
C ILE C 99 7.56 -3.36 -14.58
N LEU C 100 7.77 -3.48 -15.87
CA LEU C 100 6.91 -2.85 -16.82
C LEU C 100 6.24 -4.02 -17.47
N SER C 101 4.98 -4.22 -17.14
CA SER C 101 4.30 -5.35 -17.69
C SER C 101 2.83 -5.10 -17.62
N HIS C 102 2.08 -6.09 -18.07
CA HIS C 102 0.68 -6.12 -17.79
C HIS C 102 0.57 -6.67 -16.39
N GLY C 103 -0.57 -6.44 -15.77
CA GLY C 103 -0.77 -6.98 -14.45
C GLY C 103 -2.25 -7.04 -14.18
N ASP C 104 -2.56 -7.52 -13.00
CA ASP C 104 -3.93 -7.54 -12.53
C ASP C 104 -3.80 -7.34 -11.04
N LYS C 105 -4.93 -7.41 -10.33
CA LYS C 105 -4.92 -7.19 -8.89
C LYS C 105 -3.73 -7.90 -8.26
N GLY C 106 -2.78 -7.11 -7.77
CA GLY C 106 -1.69 -7.61 -6.96
C GLY C 106 -0.65 -8.39 -7.72
N ILE C 107 -0.80 -8.45 -9.04
CA ILE C 107 0.10 -9.27 -9.82
C ILE C 107 0.62 -8.52 -11.05
N ILE C 108 1.73 -9.00 -11.55
CA ILE C 108 2.15 -8.58 -12.87
C ILE C 108 2.20 -9.85 -13.66
N TYR C 109 2.09 -9.72 -14.98
CA TYR C 109 2.13 -10.88 -15.83
C TYR C 109 3.52 -11.04 -16.38
N GLY C 110 3.95 -12.29 -16.47
CA GLY C 110 5.09 -12.60 -17.29
C GLY C 110 4.57 -12.43 -18.70
N THR C 111 5.48 -12.37 -19.66
CA THR C 111 5.09 -12.30 -21.05
C THR C 111 4.35 -13.58 -21.43
N ASP C 112 4.50 -14.61 -20.62
CA ASP C 112 3.81 -15.88 -20.85
C ASP C 112 2.40 -15.83 -20.26
N GLY C 113 2.04 -14.71 -19.64
CA GLY C 113 0.71 -14.56 -19.09
C GLY C 113 0.55 -15.26 -17.75
N GLN C 114 1.63 -15.83 -17.24
CA GLN C 114 1.59 -16.35 -15.89
C GLN C 114 1.60 -15.15 -14.97
N GLU C 115 1.11 -15.34 -13.76
CA GLU C 115 1.01 -14.25 -12.81
C GLU C 115 2.18 -14.30 -11.84
N ALA C 116 2.73 -13.14 -11.58
CA ALA C 116 3.70 -13.00 -10.51
C ALA C 116 3.10 -12.02 -9.54
N PRO C 117 2.63 -12.53 -8.40
CA PRO C 117 2.14 -11.63 -7.35
C PRO C 117 3.25 -10.65 -7.04
N ILE C 118 2.91 -9.37 -7.10
CA ILE C 118 3.90 -8.35 -6.82
C ILE C 118 4.56 -8.65 -5.49
N TYR C 119 3.77 -9.08 -4.51
CA TYR C 119 4.30 -9.36 -3.20
C TYR C 119 5.31 -10.51 -3.25
N GLU C 120 5.05 -11.50 -4.10
CA GLU C 120 5.99 -12.60 -4.28
C GLU C 120 7.33 -12.05 -4.76
N LEU C 121 7.27 -11.03 -5.61
CA LEU C 121 8.47 -10.43 -6.17
C LEU C 121 9.21 -9.61 -5.13
N THR C 122 8.49 -8.66 -4.52
CA THR C 122 9.09 -7.81 -3.52
C THR C 122 9.58 -8.62 -2.33
N SER C 123 8.82 -9.64 -1.96
CA SER C 123 9.17 -10.39 -0.76
C SER C 123 10.46 -11.17 -0.97
N GLN C 124 10.92 -11.24 -2.21
CA GLN C 124 12.19 -11.88 -2.49
C GLN C 124 13.34 -11.05 -1.95
N PHE C 125 13.02 -9.84 -1.49
CA PHE C 125 14.09 -8.93 -1.10
C PHE C 125 13.99 -8.46 0.32
N THR C 126 13.18 -9.18 1.10
CA THR C 126 13.10 -8.92 2.52
C THR C 126 14.48 -9.10 3.09
N GLY C 127 14.67 -8.64 4.33
CA GLY C 127 15.96 -8.76 4.97
C GLY C 127 16.38 -10.20 5.08
N LEU C 128 15.41 -11.08 5.28
CA LEU C 128 15.70 -12.50 5.39
C LEU C 128 16.10 -13.10 4.06
N LYS C 129 15.39 -12.69 3.01
CA LYS C 129 15.63 -13.25 1.70
C LYS C 129 16.91 -12.66 1.14
N CYS C 130 17.16 -11.40 1.44
CA CYS C 130 18.30 -10.71 0.87
C CYS C 130 18.99 -9.87 1.93
N PRO C 131 19.76 -10.52 2.80
CA PRO C 131 20.36 -9.82 3.93
C PRO C 131 21.22 -8.67 3.48
N SER C 132 21.88 -8.81 2.32
CA SER C 132 22.78 -7.77 1.87
C SER C 132 22.02 -6.52 1.46
N LEU C 133 20.70 -6.60 1.41
CA LEU C 133 19.91 -5.42 1.18
C LEU C 133 19.17 -4.99 2.43
N ALA C 134 19.41 -5.70 3.53
CA ALA C 134 18.75 -5.35 4.77
C ALA C 134 19.14 -3.94 5.14
N GLY C 135 18.15 -3.12 5.49
CA GLY C 135 18.40 -1.74 5.87
C GLY C 135 18.54 -0.84 4.67
N LYS C 136 18.52 -1.42 3.48
CA LYS C 136 18.68 -0.65 2.28
C LYS C 136 17.36 -0.55 1.57
N PRO C 137 17.13 0.60 0.94
CA PRO C 137 15.89 0.81 0.21
C PRO C 137 15.78 -0.15 -0.95
N LYS C 138 14.66 -0.86 -0.97
CA LYS C 138 14.36 -1.77 -2.02
C LYS C 138 13.16 -1.19 -2.71
N VAL C 139 13.38 -0.75 -3.92
CA VAL C 139 12.37 0.04 -4.60
C VAL C 139 11.85 -0.75 -5.74
N PHE C 140 10.54 -0.91 -5.78
CA PHE C 140 9.90 -1.59 -6.87
C PHE C 140 8.95 -0.66 -7.50
N PHE C 141 9.20 -0.36 -8.77
CA PHE C 141 8.26 0.41 -9.53
C PHE C 141 7.55 -0.57 -10.41
N ILE C 142 6.25 -0.66 -10.22
CA ILE C 142 5.48 -1.58 -11.00
C ILE C 142 4.62 -0.77 -11.93
N GLN C 143 4.96 -0.80 -13.20
CA GLN C 143 4.14 -0.19 -14.21
C GLN C 143 3.37 -1.35 -14.82
N ALA C 144 2.13 -1.48 -14.41
CA ALA C 144 1.27 -2.55 -14.87
C ALA C 144 -0.13 -2.14 -14.53
N CYS C 145 -1.11 -2.74 -15.20
CA CYS C 145 -2.47 -2.61 -14.72
C CYS C 145 -2.58 -3.45 -13.48
N GLN C 146 -3.54 -3.09 -12.64
CA GLN C 146 -3.82 -3.86 -11.44
C GLN C 146 -5.27 -4.29 -11.49
N GLY C 147 -5.78 -4.45 -12.71
CA GLY C 147 -7.19 -4.73 -12.95
C GLY C 147 -7.61 -4.08 -14.26
N ASP C 148 -8.85 -4.29 -14.66
CA ASP C 148 -9.32 -3.77 -15.94
C ASP C 148 -10.16 -2.52 -15.76
N ASN C 149 -10.32 -2.09 -14.50
CA ASN C 149 -11.13 -0.92 -14.19
C ASN C 149 -10.46 0.39 -14.58
N TYR C 150 -11.25 1.27 -15.18
CA TYR C 150 -10.81 2.63 -15.43
C TYR C 150 -11.07 3.46 -14.19
N GLN C 151 -9.98 3.85 -13.52
CA GLN C 151 -10.08 4.79 -12.42
C GLN C 151 -10.91 5.99 -12.87
N LYS C 152 -11.97 6.29 -12.13
CA LYS C 152 -12.85 7.39 -12.49
C LYS C 152 -12.25 8.73 -12.08
N GLY C 153 -12.64 9.78 -12.80
CA GLY C 153 -12.16 11.11 -12.53
C GLY C 153 -13.14 11.90 -11.71
N ILE C 154 -12.62 12.80 -10.89
CA ILE C 154 -13.46 13.68 -10.08
C ILE C 154 -13.08 15.14 -10.34
N PRO C 155 -14.08 16.02 -10.47
CA PRO C 155 -13.83 17.44 -10.73
C PRO C 155 -13.20 18.15 -9.53
N THR D 15 24.48 -4.00 16.09
CA THR D 15 23.50 -4.37 15.07
C THR D 15 22.08 -4.34 15.62
N ARG D 16 21.24 -3.48 15.07
CA ARG D 16 19.85 -3.42 15.46
C ARG D 16 19.03 -4.34 14.55
N TYR D 17 17.83 -4.70 15.00
CA TYR D 17 16.94 -5.50 14.18
C TYR D 17 15.83 -4.63 13.62
N ILE D 18 15.61 -4.75 12.32
CA ILE D 18 14.49 -4.07 11.70
C ILE D 18 13.58 -5.11 11.09
N PRO D 19 12.35 -4.72 10.81
CA PRO D 19 11.40 -5.67 10.27
C PRO D 19 11.92 -6.23 8.97
N ASP D 20 11.67 -7.51 8.78
CA ASP D 20 12.02 -8.23 7.58
C ASP D 20 11.55 -7.48 6.35
N GLU D 21 10.43 -6.77 6.49
CA GLU D 21 9.81 -6.11 5.36
C GLU D 21 10.04 -4.60 5.36
N ALA D 22 11.07 -4.16 6.08
CA ALA D 22 11.37 -2.74 6.13
C ALA D 22 12.02 -2.32 4.83
N ASP D 23 12.00 -1.02 4.59
CA ASP D 23 12.81 -0.41 3.55
C ASP D 23 12.39 -0.75 2.15
N PHE D 24 11.10 -1.04 2.03
CA PHE D 24 10.52 -1.25 0.72
C PHE D 24 9.80 -0.01 0.28
N LEU D 25 9.92 0.27 -1.00
CA LEU D 25 9.09 1.25 -1.62
C LEU D 25 8.50 0.55 -2.81
N LEU D 26 7.19 0.50 -2.84
CA LEU D 26 6.52 -0.09 -3.95
C LEU D 26 5.82 1.07 -4.61
N GLY D 27 6.26 1.40 -5.81
CA GLY D 27 5.62 2.45 -6.56
C GLY D 27 4.74 1.74 -7.57
N MET D 28 3.45 1.68 -7.26
CA MET D 28 2.48 1.10 -8.17
C MET D 28 2.01 2.19 -9.12
N ALA D 29 1.96 1.86 -10.40
CA ALA D 29 1.53 2.80 -11.41
C ALA D 29 0.08 3.12 -11.17
N THR D 30 -0.60 2.21 -10.48
CA THR D 30 -2.01 2.36 -10.25
C THR D 30 -2.45 1.69 -8.98
N VAL D 31 -3.50 2.25 -8.41
CA VAL D 31 -4.19 1.61 -7.31
C VAL D 31 -4.71 0.27 -7.81
N ASN D 32 -5.01 -0.61 -6.88
CA ASN D 32 -5.50 -1.93 -7.22
C ASN D 32 -6.78 -1.86 -8.03
N ASN D 33 -7.01 -2.88 -8.85
CA ASN D 33 -8.25 -3.02 -9.60
C ASN D 33 -8.30 -2.18 -10.85
N CYS D 34 -7.28 -1.34 -11.06
CA CYS D 34 -7.33 -0.38 -12.15
C CYS D 34 -6.20 -0.48 -13.13
N VAL D 35 -6.47 0.00 -14.34
CA VAL D 35 -5.48 0.06 -15.38
C VAL D 35 -4.49 1.18 -15.10
N SER D 36 -3.31 1.04 -15.66
CA SER D 36 -2.38 2.14 -15.77
C SER D 36 -2.25 2.37 -17.27
N TYR D 37 -1.84 3.56 -17.64
CA TYR D 37 -1.82 3.93 -19.04
C TYR D 37 -0.44 3.97 -19.62
N ARG D 38 -0.38 3.60 -20.89
CA ARG D 38 0.85 3.59 -21.64
C ARG D 38 0.58 4.24 -22.97
N ASN D 39 1.34 5.28 -23.26
CA ASN D 39 1.31 5.91 -24.56
C ASN D 39 2.42 5.28 -25.39
N PRO D 40 2.05 4.52 -26.43
CA PRO D 40 3.04 3.82 -27.25
C PRO D 40 4.11 4.76 -27.77
N ALA D 41 3.83 6.05 -27.83
CA ALA D 41 4.77 7.03 -28.39
C ALA D 41 5.50 7.82 -27.30
N GLU D 42 5.15 7.59 -26.05
CA GLU D 42 5.75 8.36 -24.97
C GLU D 42 6.22 7.50 -23.81
N GLY D 43 5.56 6.38 -23.60
CA GLY D 43 5.81 5.58 -22.43
C GLY D 43 4.58 5.65 -21.56
N THR D 44 4.64 5.03 -20.40
CA THR D 44 3.49 5.00 -19.53
C THR D 44 3.42 6.30 -18.74
N TRP D 45 2.20 6.72 -18.41
CA TRP D 45 2.03 7.92 -17.62
C TRP D 45 2.91 7.85 -16.40
N TYR D 46 2.83 6.72 -15.70
CA TYR D 46 3.51 6.58 -14.44
C TYR D 46 5.02 6.65 -14.59
N ILE D 47 5.58 5.81 -15.44
CA ILE D 47 7.02 5.75 -15.53
C ILE D 47 7.58 7.04 -16.09
N GLN D 48 6.93 7.57 -17.11
CA GLN D 48 7.41 8.80 -17.72
C GLN D 48 7.33 9.90 -16.68
N SER D 49 6.22 9.94 -15.96
CA SER D 49 6.11 10.95 -14.91
C SER D 49 7.17 10.71 -13.85
N LEU D 50 7.30 9.45 -13.45
CA LEU D 50 8.26 9.08 -12.44
C LEU D 50 9.65 9.53 -12.85
N CYS D 51 10.03 9.19 -14.07
CA CYS D 51 11.38 9.51 -14.52
C CYS D 51 11.58 11.01 -14.65
N GLN D 52 10.62 11.68 -15.25
CA GLN D 52 10.69 13.12 -15.37
C GLN D 52 10.87 13.69 -13.98
N SER D 53 10.04 13.22 -13.06
CA SER D 53 10.08 13.76 -11.72
C SER D 53 11.40 13.45 -11.04
N LEU D 54 11.91 12.25 -11.28
CA LEU D 54 13.18 11.87 -10.68
C LEU D 54 14.27 12.76 -11.26
N ARG D 55 14.27 12.90 -12.58
CA ARG D 55 15.29 13.71 -13.24
C ARG D 55 15.19 15.17 -12.84
N GLU D 56 13.98 15.64 -12.58
CA GLU D 56 13.78 17.02 -12.18
C GLU D 56 14.08 17.23 -10.70
N ARG D 57 13.69 16.27 -9.88
CA ARG D 57 13.65 16.49 -8.43
C ARG D 57 14.83 15.88 -7.70
N CYS D 58 15.35 14.76 -8.20
CA CYS D 58 16.50 14.17 -7.54
C CYS D 58 17.67 15.16 -7.46
N PRO D 59 17.93 15.90 -8.56
CA PRO D 59 19.02 16.88 -8.49
C PRO D 59 18.77 17.93 -7.41
N ARG D 60 17.52 18.10 -7.02
CA ARG D 60 17.18 19.10 -6.01
C ARG D 60 17.15 18.46 -4.62
N GLY D 61 17.46 17.17 -4.57
CA GLY D 61 17.53 16.45 -3.31
C GLY D 61 16.19 15.98 -2.80
N ASP D 62 15.16 16.06 -3.65
CA ASP D 62 13.83 15.61 -3.24
C ASP D 62 13.86 14.11 -2.96
N ASP D 63 13.16 13.69 -1.93
CA ASP D 63 13.10 12.27 -1.62
C ASP D 63 12.07 11.61 -2.49
N ILE D 64 12.10 10.29 -2.52
CA ILE D 64 11.27 9.54 -3.45
C ILE D 64 9.79 9.72 -3.18
N LEU D 65 9.42 9.89 -1.90
CA LEU D 65 8.00 9.99 -1.59
C LEU D 65 7.48 11.32 -2.10
N THR D 66 8.28 12.37 -1.92
CA THR D 66 7.94 13.68 -2.47
C THR D 66 7.82 13.54 -3.97
N ILE D 67 8.78 12.84 -4.55
CA ILE D 67 8.77 12.61 -5.97
C ILE D 67 7.53 11.83 -6.41
N LEU D 68 7.22 10.76 -5.69
CA LEU D 68 6.08 9.94 -6.04
C LEU D 68 4.78 10.68 -5.80
N THR D 69 4.82 11.62 -4.89
CA THR D 69 3.67 12.47 -4.66
C THR D 69 3.49 13.34 -5.90
N GLU D 70 4.59 13.88 -6.39
CA GLU D 70 4.52 14.67 -7.61
C GLU D 70 4.04 13.78 -8.75
N VAL D 71 4.49 12.53 -8.74
CA VAL D 71 4.09 11.61 -9.77
C VAL D 71 2.60 11.37 -9.65
N ASN D 72 2.14 11.17 -8.43
CA ASN D 72 0.71 11.02 -8.20
C ASN D 72 0.00 12.23 -8.78
N TYR D 73 0.55 13.39 -8.50
CA TYR D 73 -0.07 14.63 -8.94
C TYR D 73 -0.11 14.67 -10.46
N GLU D 74 1.04 14.40 -11.05
CA GLU D 74 1.17 14.53 -12.49
C GLU D 74 0.28 13.51 -13.18
N VAL D 75 0.39 12.27 -12.75
CA VAL D 75 -0.39 11.21 -13.36
C VAL D 75 -1.87 11.46 -13.11
N SER D 76 -2.18 11.97 -11.93
CA SER D 76 -3.56 12.29 -11.59
C SER D 76 -4.15 13.32 -12.53
N ASN D 77 -3.31 14.17 -13.10
CA ASN D 77 -3.78 15.22 -13.99
C ASN D 77 -3.98 14.73 -15.41
N LYS D 78 -3.39 13.58 -15.72
CA LYS D 78 -3.56 12.99 -17.02
C LYS D 78 -4.92 12.33 -17.08
N ASP D 79 -5.47 12.20 -18.27
CA ASP D 79 -6.67 11.39 -18.41
C ASP D 79 -6.79 10.72 -19.76
N ASP D 80 -7.50 9.60 -19.74
CA ASP D 80 -7.84 8.87 -20.95
C ASP D 80 -9.22 9.36 -21.37
N LYS D 81 -9.24 10.42 -22.16
CA LYS D 81 -10.50 11.05 -22.56
C LYS D 81 -11.53 10.03 -23.05
N LYS D 82 -11.09 9.07 -23.85
CA LYS D 82 -11.99 8.08 -24.41
C LYS D 82 -12.84 7.42 -23.34
N ASN D 83 -12.18 6.91 -22.30
CA ASN D 83 -12.86 6.18 -21.24
C ASN D 83 -13.07 7.02 -19.98
N MET D 84 -12.93 8.34 -20.11
CA MET D 84 -12.94 9.22 -18.95
C MET D 84 -12.02 8.59 -17.91
N GLY D 85 -10.96 7.99 -18.41
CA GLY D 85 -10.05 7.24 -17.58
C GLY D 85 -9.11 8.13 -16.81
N LYS D 86 -8.85 7.75 -15.58
CA LYS D 86 -7.84 8.41 -14.79
C LYS D 86 -6.86 7.35 -14.36
N GLN D 87 -5.77 7.79 -13.77
CA GLN D 87 -4.84 6.84 -13.22
C GLN D 87 -4.32 7.37 -11.92
N MET D 88 -4.35 6.51 -10.92
CA MET D 88 -3.93 6.90 -9.60
C MET D 88 -2.80 5.97 -9.21
N PRO D 89 -1.55 6.43 -9.40
CA PRO D 89 -0.45 5.62 -8.90
C PRO D 89 -0.56 5.55 -7.39
N GLN D 90 0.09 4.58 -6.79
CA GLN D 90 -0.13 4.39 -5.37
C GLN D 90 1.10 3.81 -4.75
N PRO D 91 1.95 4.66 -4.20
CA PRO D 91 3.13 4.12 -3.54
C PRO D 91 2.71 3.45 -2.25
N THR D 92 3.41 2.38 -1.93
CA THR D 92 3.29 1.81 -0.61
C THR D 92 4.72 1.71 -0.15
N PHE D 93 4.97 1.99 1.11
CA PHE D 93 6.34 1.90 1.55
C PHE D 93 6.50 1.48 2.97
N THR D 94 7.63 0.84 3.22
CA THR D 94 8.04 0.56 4.56
C THR D 94 9.39 1.22 4.73
N LEU D 95 9.67 2.17 3.83
CA LEU D 95 10.87 2.97 3.97
C LEU D 95 10.89 3.56 5.36
N ARG D 96 12.06 3.48 5.99
CA ARG D 96 12.25 3.97 7.34
C ARG D 96 13.02 5.27 7.27
N LYS D 97 13.46 5.61 6.07
CA LYS D 97 14.23 6.82 5.89
C LYS D 97 13.81 7.50 4.61
N LYS D 98 14.18 8.76 4.48
CA LYS D 98 14.03 9.47 3.23
C LYS D 98 14.84 8.72 2.21
N LEU D 99 14.25 8.54 1.05
CA LEU D 99 14.96 7.92 -0.05
C LEU D 99 15.30 9.01 -1.05
N VAL D 100 16.58 9.28 -1.18
CA VAL D 100 17.02 10.22 -2.18
C VAL D 100 17.98 9.51 -3.09
N PHE D 101 18.10 10.02 -4.29
CA PHE D 101 19.06 9.52 -5.24
C PHE D 101 19.92 10.68 -5.63
N PRO D 102 20.92 10.99 -4.80
CA PRO D 102 21.79 12.14 -5.01
C PRO D 102 22.71 11.88 -6.19
N SER D 103 23.27 12.95 -6.75
CA SER D 103 24.28 12.80 -7.79
C SER D 103 25.59 12.29 -7.18
N ASP D 104 26.47 11.83 -8.08
CA ASP D 104 27.83 11.36 -7.77
C ASP D 104 28.04 9.87 -8.09
N ASP E 13 40.39 -5.49 2.17
CA ASP E 13 40.47 -6.86 1.67
C ASP E 13 40.52 -6.86 0.15
N LEU E 14 41.51 -7.54 -0.41
CA LEU E 14 41.70 -7.55 -1.86
C LEU E 14 40.62 -8.39 -2.53
N GLY E 15 40.19 -9.44 -1.85
CA GLY E 15 39.14 -10.28 -2.36
C GLY E 15 37.87 -9.47 -2.56
N LYS E 16 37.50 -8.69 -1.55
CA LYS E 16 36.30 -7.88 -1.64
C LYS E 16 36.43 -6.87 -2.76
N LYS E 17 37.57 -6.19 -2.81
CA LYS E 17 37.80 -5.22 -3.86
C LYS E 17 37.71 -5.92 -5.21
N LEU E 18 38.23 -7.13 -5.29
CA LEU E 18 38.22 -7.86 -6.55
C LEU E 18 36.79 -8.24 -6.89
N LEU E 19 36.05 -8.67 -5.89
CA LEU E 19 34.64 -9.01 -6.08
C LEU E 19 33.90 -7.81 -6.67
N GLU E 20 34.05 -6.66 -6.04
CA GLU E 20 33.35 -5.47 -6.51
C GLU E 20 33.87 -5.07 -7.88
N ALA E 21 35.19 -5.08 -8.04
CA ALA E 21 35.78 -4.70 -9.32
C ALA E 21 35.24 -5.62 -10.40
N ALA E 22 35.20 -6.91 -10.11
CA ALA E 22 34.69 -7.89 -11.05
C ALA E 22 33.22 -7.61 -11.27
N ARG E 23 32.49 -7.43 -10.17
CA ARG E 23 31.07 -7.15 -10.27
C ARG E 23 30.83 -5.92 -11.12
N ALA E 24 31.66 -4.90 -10.88
CA ALA E 24 31.46 -3.60 -11.49
C ALA E 24 32.00 -3.55 -12.92
N GLY E 25 32.72 -4.59 -13.32
CA GLY E 25 33.25 -4.63 -14.66
C GLY E 25 34.43 -3.69 -14.81
N ARG E 26 35.11 -3.46 -13.69
CA ARG E 26 36.26 -2.57 -13.68
C ARG E 26 37.49 -3.40 -14.01
N ASP E 27 37.67 -3.64 -15.31
CA ASP E 27 38.75 -4.46 -15.84
C ASP E 27 40.08 -4.11 -15.23
N ASP E 28 40.41 -2.82 -15.26
CA ASP E 28 41.74 -2.43 -14.86
C ASP E 28 41.91 -2.66 -13.37
N GLU E 29 40.85 -2.43 -12.60
CA GLU E 29 40.95 -2.68 -11.18
C GLU E 29 41.14 -4.17 -10.95
N VAL E 30 40.42 -4.98 -11.71
CA VAL E 30 40.56 -6.42 -11.61
C VAL E 30 41.99 -6.85 -11.90
N ARG E 31 42.51 -6.41 -13.04
CA ARG E 31 43.87 -6.77 -13.41
C ARG E 31 44.84 -6.27 -12.35
N ILE E 32 44.64 -5.03 -11.90
CA ILE E 32 45.50 -4.48 -10.87
C ILE E 32 45.34 -5.26 -9.57
N LEU E 33 44.10 -5.56 -9.21
CA LEU E 33 43.86 -6.27 -7.97
C LEU E 33 44.52 -7.63 -7.98
N MET E 34 44.47 -8.31 -9.12
CA MET E 34 45.03 -9.65 -9.18
C MET E 34 46.54 -9.62 -9.40
N ALA E 35 47.05 -8.52 -9.93
CA ALA E 35 48.48 -8.30 -9.98
C ALA E 35 48.93 -8.09 -8.54
N ASN E 36 48.01 -7.57 -7.73
CA ASN E 36 48.29 -7.29 -6.33
C ASN E 36 47.94 -8.47 -5.41
N GLY E 37 47.75 -9.65 -6.01
CA GLY E 37 47.58 -10.88 -5.26
C GLY E 37 46.16 -11.15 -4.78
N ALA E 38 45.20 -10.34 -5.23
CA ALA E 38 43.82 -10.54 -4.82
C ALA E 38 43.40 -12.00 -5.01
N ASP E 39 42.68 -12.53 -4.04
CA ASP E 39 42.18 -13.89 -4.12
C ASP E 39 41.19 -14.00 -5.26
N VAL E 40 41.61 -14.62 -6.36
CA VAL E 40 40.75 -14.73 -7.53
C VAL E 40 39.47 -15.47 -7.20
N ASN E 41 39.52 -16.31 -6.16
CA ASN E 41 38.35 -17.07 -5.74
C ASN E 41 37.71 -16.54 -4.48
N ALA E 42 37.89 -15.25 -4.23
CA ALA E 42 37.22 -14.61 -3.11
C ALA E 42 35.74 -14.88 -3.26
N GLU E 43 35.04 -14.99 -2.15
CA GLU E 43 33.61 -15.19 -2.22
C GLU E 43 32.94 -14.09 -1.42
N ASP E 44 31.90 -13.51 -2.00
CA ASP E 44 31.14 -12.52 -1.29
C ASP E 44 30.17 -13.27 -0.38
N ALA E 45 29.25 -12.53 0.22
CA ALA E 45 28.36 -13.10 1.21
C ALA E 45 27.42 -14.13 0.58
N SER E 46 27.33 -14.14 -0.74
CA SER E 46 26.42 -15.06 -1.41
C SER E 46 27.19 -16.22 -2.02
N GLY E 47 28.48 -16.25 -1.74
CA GLY E 47 29.33 -17.30 -2.25
C GLY E 47 29.72 -17.03 -3.68
N TRP E 48 29.38 -15.84 -4.17
CA TRP E 48 29.78 -15.47 -5.51
C TRP E 48 31.24 -15.15 -5.52
N THR E 49 31.92 -15.67 -6.52
CA THR E 49 33.32 -15.37 -6.73
C THR E 49 33.38 -14.25 -7.74
N PRO E 50 34.55 -13.63 -7.89
CA PRO E 50 34.63 -12.60 -8.93
C PRO E 50 34.17 -13.17 -10.25
N LEU E 51 34.41 -14.46 -10.46
CA LEU E 51 34.02 -15.08 -11.71
C LEU E 51 32.51 -15.11 -11.83
N HIS E 52 31.84 -15.49 -10.74
CA HIS E 52 30.39 -15.41 -10.72
C HIS E 52 29.98 -14.00 -11.11
N LEU E 53 30.58 -13.03 -10.45
CA LEU E 53 30.13 -11.66 -10.62
C LEU E 53 30.35 -11.21 -12.04
N ALA E 54 31.54 -11.50 -12.56
CA ALA E 54 31.90 -11.11 -13.91
C ALA E 54 31.02 -11.84 -14.89
N ALA E 55 30.75 -13.11 -14.61
CA ALA E 55 29.92 -13.93 -15.48
C ALA E 55 28.53 -13.35 -15.48
N PHE E 56 28.05 -13.05 -14.29
CA PHE E 56 26.72 -12.50 -14.13
C PHE E 56 26.59 -11.18 -14.87
N ASN E 57 27.58 -10.30 -14.71
CA ASN E 57 27.49 -8.96 -15.29
C ASN E 57 28.07 -8.87 -16.67
N GLY E 58 28.44 -10.00 -17.25
CA GLY E 58 28.83 -10.06 -18.65
C GLY E 58 30.17 -9.43 -18.94
N HIS E 59 31.00 -9.31 -17.91
CA HIS E 59 32.31 -8.72 -18.12
C HIS E 59 33.30 -9.78 -18.61
N LEU E 60 33.29 -9.96 -19.92
CA LEU E 60 34.10 -10.98 -20.57
C LEU E 60 35.58 -10.81 -20.22
N GLU E 61 36.12 -9.63 -20.46
CA GLU E 61 37.54 -9.41 -20.23
C GLU E 61 37.87 -9.84 -18.83
N ILE E 62 37.02 -9.46 -17.88
CA ILE E 62 37.25 -9.80 -16.50
C ILE E 62 37.17 -11.30 -16.27
N VAL E 63 36.18 -11.94 -16.90
CA VAL E 63 36.06 -13.38 -16.82
C VAL E 63 37.33 -14.03 -17.34
N GLU E 64 37.82 -13.52 -18.46
CA GLU E 64 39.05 -14.02 -19.07
C GLU E 64 40.20 -13.85 -18.09
N VAL E 65 40.34 -12.64 -17.57
CA VAL E 65 41.44 -12.33 -16.66
C VAL E 65 41.35 -13.19 -15.41
N LEU E 66 40.17 -13.28 -14.81
CA LEU E 66 40.00 -14.11 -13.64
C LEU E 66 40.37 -15.56 -13.94
N LEU E 67 39.86 -16.08 -15.05
CA LEU E 67 40.17 -17.46 -15.42
C LEU E 67 41.67 -17.65 -15.65
N LYS E 68 42.28 -16.71 -16.33
CA LYS E 68 43.73 -16.75 -16.54
C LYS E 68 44.43 -16.76 -15.19
N ASN E 69 43.82 -16.12 -14.20
CA ASN E 69 44.41 -16.00 -12.88
C ASN E 69 43.94 -17.09 -11.92
N GLY E 70 43.42 -18.18 -12.47
CA GLY E 70 43.11 -19.35 -11.68
C GLY E 70 41.74 -19.35 -11.05
N ALA E 71 40.85 -18.46 -11.50
CA ALA E 71 39.49 -18.45 -10.99
C ALA E 71 38.91 -19.84 -11.11
N ASP E 72 38.25 -20.29 -10.06
CA ASP E 72 37.59 -21.57 -10.07
C ASP E 72 36.38 -21.46 -11.00
N VAL E 73 36.49 -22.07 -12.18
CA VAL E 73 35.47 -21.95 -13.19
C VAL E 73 34.20 -22.65 -12.74
N ASN E 74 34.35 -23.52 -11.75
CA ASN E 74 33.22 -24.29 -11.25
C ASN E 74 32.83 -23.89 -9.84
N ALA E 75 33.29 -22.72 -9.43
CA ALA E 75 32.92 -22.21 -8.12
C ALA E 75 31.42 -22.29 -8.00
N VAL E 76 30.96 -22.74 -6.85
CA VAL E 76 29.55 -22.84 -6.60
C VAL E 76 29.28 -21.85 -5.50
N ASP E 77 28.30 -20.98 -5.69
CA ASP E 77 28.00 -20.02 -4.66
C ASP E 77 27.07 -20.65 -3.65
N HIS E 78 26.59 -19.86 -2.70
CA HIS E 78 25.82 -20.38 -1.59
C HIS E 78 24.50 -20.98 -2.05
N ALA E 79 24.06 -20.59 -3.23
CA ALA E 79 22.80 -21.05 -3.76
C ALA E 79 23.04 -22.22 -4.72
N GLY E 80 24.29 -22.67 -4.79
CA GLY E 80 24.63 -23.81 -5.61
C GLY E 80 24.78 -23.44 -7.07
N MET E 81 25.03 -22.15 -7.33
CA MET E 81 25.14 -21.67 -8.69
C MET E 81 26.57 -21.52 -9.12
N THR E 82 26.83 -21.85 -10.39
CA THR E 82 28.15 -21.73 -10.96
C THR E 82 28.19 -20.49 -11.84
N PRO E 83 29.39 -20.00 -12.15
CA PRO E 83 29.47 -18.84 -13.03
C PRO E 83 28.79 -19.19 -14.34
N LEU E 84 28.89 -20.46 -14.75
CA LEU E 84 28.29 -20.87 -16.01
C LEU E 84 26.78 -20.74 -15.97
N ARG E 85 26.20 -21.11 -14.84
CA ARG E 85 24.77 -20.99 -14.69
C ARG E 85 24.39 -19.54 -14.95
N LEU E 86 25.14 -18.63 -14.34
CA LEU E 86 24.84 -17.21 -14.44
C LEU E 86 25.04 -16.72 -15.86
N ALA E 87 26.20 -17.03 -16.43
CA ALA E 87 26.49 -16.64 -17.80
C ALA E 87 25.39 -17.12 -18.73
N ALA E 88 24.95 -18.36 -18.52
CA ALA E 88 23.93 -18.95 -19.38
C ALA E 88 22.61 -18.24 -19.17
N LEU E 89 22.25 -18.08 -17.90
CA LEU E 89 21.00 -17.42 -17.56
C LEU E 89 20.95 -16.05 -18.22
N PHE E 90 22.00 -15.28 -18.00
CA PHE E 90 22.01 -13.89 -18.43
C PHE E 90 22.50 -13.67 -19.84
N GLY E 91 22.62 -14.76 -20.57
CA GLY E 91 22.84 -14.70 -22.00
C GLY E 91 24.20 -14.18 -22.40
N HIS E 92 25.20 -14.37 -21.53
CA HIS E 92 26.53 -13.90 -21.84
C HIS E 92 27.25 -15.00 -22.58
N LEU E 93 26.99 -15.07 -23.88
CA LEU E 93 27.45 -16.15 -24.72
C LEU E 93 28.96 -16.33 -24.69
N GLU E 94 29.70 -15.25 -24.88
CA GLU E 94 31.15 -15.36 -24.91
C GLU E 94 31.66 -15.87 -23.58
N ILE E 95 31.07 -15.40 -22.49
CA ILE E 95 31.49 -15.83 -21.18
C ILE E 95 31.17 -17.30 -20.97
N VAL E 96 30.02 -17.73 -21.48
CA VAL E 96 29.69 -19.13 -21.41
C VAL E 96 30.78 -19.93 -22.11
N GLU E 97 31.12 -19.50 -23.32
CA GLU E 97 32.13 -20.18 -24.12
C GLU E 97 33.46 -20.22 -23.38
N VAL E 98 33.85 -19.08 -22.84
CA VAL E 98 35.12 -18.99 -22.13
C VAL E 98 35.10 -19.85 -20.88
N LEU E 99 34.01 -19.78 -20.13
CA LEU E 99 33.83 -20.67 -18.99
C LEU E 99 33.96 -22.12 -19.39
N LEU E 100 33.24 -22.50 -20.45
CA LEU E 100 33.27 -23.86 -20.93
C LEU E 100 34.66 -24.19 -21.41
N LYS E 101 35.29 -23.26 -22.11
CA LYS E 101 36.64 -23.48 -22.61
C LYS E 101 37.55 -23.71 -21.43
N ASN E 102 37.26 -23.04 -20.31
CA ASN E 102 38.11 -23.17 -19.13
C ASN E 102 37.68 -24.25 -18.16
N GLY E 103 36.80 -25.14 -18.63
CA GLY E 103 36.49 -26.34 -17.89
C GLY E 103 35.27 -26.24 -16.99
N ALA E 104 34.45 -25.21 -17.20
CA ALA E 104 33.19 -25.13 -16.47
C ALA E 104 32.43 -26.44 -16.65
N ASP E 105 31.90 -26.96 -15.56
CA ASP E 105 31.04 -28.14 -15.64
C ASP E 105 29.78 -27.74 -16.39
N VAL E 106 29.64 -28.22 -17.62
CA VAL E 106 28.53 -27.81 -18.47
C VAL E 106 27.20 -28.28 -17.87
N ASN E 107 27.28 -29.29 -17.00
CA ASN E 107 26.09 -29.86 -16.41
C ASN E 107 25.97 -29.63 -14.91
N ALA E 108 26.73 -28.65 -14.42
CA ALA E 108 26.64 -28.27 -13.03
C ALA E 108 25.18 -28.00 -12.71
N ASN E 109 24.69 -28.64 -11.65
CA ASN E 109 23.31 -28.45 -11.22
C ASN E 109 23.25 -27.38 -10.17
N ASP E 110 22.27 -26.50 -10.28
CA ASP E 110 21.99 -25.60 -9.18
C ASP E 110 21.10 -26.35 -8.21
N MET E 111 20.58 -25.65 -7.22
CA MET E 111 19.83 -26.32 -6.17
C MET E 111 18.49 -26.89 -6.66
N GLU E 112 18.02 -26.42 -7.81
CA GLU E 112 16.79 -26.94 -8.39
C GLU E 112 17.13 -28.02 -9.40
N GLY E 113 18.40 -28.39 -9.45
CA GLY E 113 18.85 -29.38 -10.42
C GLY E 113 18.86 -28.84 -11.83
N HIS E 114 18.81 -27.52 -11.95
CA HIS E 114 18.94 -26.92 -13.26
C HIS E 114 20.40 -26.89 -13.62
N THR E 115 20.67 -27.32 -14.83
CA THR E 115 21.98 -27.17 -15.41
C THR E 115 21.97 -25.84 -16.13
N PRO E 116 23.13 -25.41 -16.60
CA PRO E 116 23.15 -24.18 -17.39
C PRO E 116 22.25 -24.32 -18.62
N LEU E 117 22.14 -25.52 -19.16
CA LEU E 117 21.27 -25.73 -20.31
C LEU E 117 19.84 -25.37 -19.93
N HIS E 118 19.40 -25.82 -18.76
CA HIS E 118 18.07 -25.46 -18.27
C HIS E 118 17.90 -23.96 -18.28
N LEU E 119 18.87 -23.25 -17.73
CA LEU E 119 18.77 -21.80 -17.62
C LEU E 119 18.81 -21.14 -18.99
N ALA E 120 19.75 -21.58 -19.82
CA ALA E 120 19.85 -21.00 -21.14
C ALA E 120 18.54 -21.25 -21.88
N ALA E 121 17.99 -22.44 -21.67
CA ALA E 121 16.77 -22.84 -22.34
C ALA E 121 15.64 -21.99 -21.79
N MET E 122 15.64 -21.86 -20.48
CA MET E 122 14.61 -21.10 -19.81
C MET E 122 14.57 -19.69 -20.37
N PHE E 123 15.75 -19.11 -20.58
CA PHE E 123 15.84 -17.73 -21.03
C PHE E 123 15.96 -17.57 -22.53
N GLY E 124 15.75 -18.67 -23.25
CA GLY E 124 15.69 -18.62 -24.70
C GLY E 124 17.00 -18.16 -25.30
N HIS E 125 18.10 -18.43 -24.60
CA HIS E 125 19.42 -18.10 -25.12
C HIS E 125 19.88 -19.20 -26.03
N LEU E 126 19.44 -19.12 -27.29
CA LEU E 126 19.64 -20.20 -28.23
C LEU E 126 21.12 -20.50 -28.47
N GLU E 127 21.90 -19.45 -28.67
CA GLU E 127 23.33 -19.65 -28.97
C GLU E 127 24.05 -20.25 -27.78
N ILE E 128 23.66 -19.86 -26.58
CA ILE E 128 24.25 -20.46 -25.39
C ILE E 128 23.82 -21.91 -25.27
N VAL E 129 22.54 -22.17 -25.51
CA VAL E 129 22.07 -23.54 -25.52
C VAL E 129 22.90 -24.36 -26.50
N GLU E 130 23.10 -23.81 -27.69
CA GLU E 130 23.91 -24.49 -28.70
C GLU E 130 25.32 -24.73 -28.18
N VAL E 131 25.93 -23.71 -27.60
CA VAL E 131 27.28 -23.83 -27.06
C VAL E 131 27.32 -24.88 -25.97
N LEU E 132 26.34 -24.83 -25.07
CA LEU E 132 26.25 -25.80 -23.99
C LEU E 132 26.14 -27.22 -24.52
N LEU E 133 25.19 -27.43 -25.43
CA LEU E 133 25.03 -28.74 -26.07
C LEU E 133 26.35 -29.17 -26.68
N LYS E 134 26.96 -28.27 -27.44
CA LYS E 134 28.21 -28.56 -28.13
C LYS E 134 29.28 -28.92 -27.11
N ASN E 135 29.08 -28.46 -25.88
CA ASN E 135 30.04 -28.71 -24.82
C ASN E 135 29.62 -29.83 -23.89
N GLY E 136 28.67 -30.64 -24.34
CA GLY E 136 28.29 -31.84 -23.62
C GLY E 136 27.15 -31.64 -22.65
N ALA E 137 26.43 -30.51 -22.76
CA ALA E 137 25.27 -30.32 -21.90
C ALA E 137 24.37 -31.54 -22.01
N ASP E 138 24.01 -32.11 -20.86
CA ASP E 138 23.13 -33.27 -20.83
C ASP E 138 21.72 -32.80 -21.14
N VAL E 139 21.28 -33.04 -22.37
N VAL E 139 21.27 -33.05 -22.36
CA VAL E 139 19.99 -32.56 -22.83
CA VAL E 139 19.99 -32.52 -22.80
C VAL E 139 18.84 -33.16 -22.03
C VAL E 139 18.82 -33.18 -22.05
N ASN E 140 19.06 -34.37 -21.54
CA ASN E 140 18.02 -35.10 -20.80
C ASN E 140 18.08 -34.82 -19.31
N ALA E 141 19.10 -34.08 -18.89
CA ALA E 141 19.22 -33.69 -17.49
C ALA E 141 17.88 -33.15 -17.04
N GLN E 142 17.31 -33.77 -16.02
CA GLN E 142 16.06 -33.28 -15.47
C GLN E 142 16.38 -32.51 -14.22
N ASP E 143 15.71 -31.39 -14.03
CA ASP E 143 15.90 -30.66 -12.80
C ASP E 143 15.12 -31.39 -11.70
N LYS E 144 15.14 -30.83 -10.50
CA LYS E 144 14.52 -31.49 -9.37
C LYS E 144 13.01 -31.55 -9.52
N PHE E 145 12.49 -30.91 -10.56
CA PHE E 145 11.07 -30.96 -10.86
C PHE E 145 10.80 -31.89 -12.04
N GLY E 146 11.84 -32.63 -12.42
CA GLY E 146 11.73 -33.61 -13.49
C GLY E 146 11.72 -32.96 -14.86
N LYS E 147 11.97 -31.66 -14.91
CA LYS E 147 11.94 -30.92 -16.16
C LYS E 147 13.28 -30.94 -16.87
N THR E 148 13.25 -31.24 -18.16
CA THR E 148 14.42 -31.11 -19.02
C THR E 148 14.54 -29.66 -19.44
N ALA E 149 15.71 -29.28 -19.93
CA ALA E 149 15.89 -27.98 -20.54
C ALA E 149 14.78 -27.76 -21.54
N PHE E 150 14.44 -28.80 -22.28
CA PHE E 150 13.38 -28.73 -23.27
C PHE E 150 12.05 -28.32 -22.65
N ASP E 151 11.72 -28.95 -21.53
CA ASP E 151 10.45 -28.68 -20.86
C ASP E 151 10.43 -27.23 -20.40
N ILE E 152 11.56 -26.76 -19.92
CA ILE E 152 11.67 -25.39 -19.43
C ILE E 152 11.53 -24.38 -20.57
N SER E 153 12.13 -24.70 -21.71
CA SER E 153 12.02 -23.84 -22.89
C SER E 153 10.57 -23.76 -23.35
N ILE E 154 9.86 -24.89 -23.26
CA ILE E 154 8.44 -24.89 -23.60
C ILE E 154 7.64 -24.06 -22.61
N ASP E 155 7.85 -24.31 -21.33
CA ASP E 155 7.15 -23.57 -20.28
C ASP E 155 7.38 -22.07 -20.44
N ASN E 156 8.50 -21.71 -21.03
CA ASN E 156 8.84 -20.31 -21.21
C ASN E 156 8.63 -19.81 -22.62
N GLY E 157 7.93 -20.59 -23.43
CA GLY E 157 7.57 -20.21 -24.78
C GLY E 157 8.75 -19.93 -25.68
N ASN E 158 9.85 -20.63 -25.45
CA ASN E 158 11.01 -20.53 -26.34
C ASN E 158 10.99 -21.66 -27.36
N GLU E 159 10.07 -21.57 -28.32
CA GLU E 159 9.87 -22.63 -29.30
C GLU E 159 11.09 -22.89 -30.18
N ASP E 160 11.68 -21.82 -30.71
CA ASP E 160 12.85 -21.95 -31.57
C ASP E 160 13.95 -22.73 -30.87
N LEU E 161 13.96 -22.64 -29.55
CA LEU E 161 14.96 -23.32 -28.75
C LEU E 161 14.51 -24.74 -28.47
N ALA E 162 13.22 -24.89 -28.19
CA ALA E 162 12.64 -26.20 -27.92
C ALA E 162 12.94 -27.15 -29.06
N GLU E 163 12.81 -26.66 -30.29
CA GLU E 163 13.09 -27.46 -31.48
C GLU E 163 14.45 -28.14 -31.39
N ILE E 164 15.49 -27.34 -31.18
CA ILE E 164 16.84 -27.85 -31.00
C ILE E 164 16.90 -28.95 -29.94
N LEU E 165 16.45 -28.61 -28.74
CA LEU E 165 16.50 -29.54 -27.61
C LEU E 165 15.64 -30.78 -27.86
N GLN E 166 14.41 -30.58 -28.32
CA GLN E 166 13.49 -31.68 -28.57
C GLN E 166 14.14 -32.78 -29.39
N LYS E 167 14.85 -32.39 -30.43
CA LYS E 167 15.49 -33.35 -31.34
C LYS E 167 16.72 -34.00 -30.71
N LEU E 168 16.89 -33.78 -29.41
CA LEU E 168 18.01 -34.34 -28.67
C LEU E 168 17.53 -35.23 -27.52
N ASP F 13 -23.11 33.85 1.67
CA ASP F 13 -24.49 33.45 1.92
C ASP F 13 -24.73 33.11 3.39
N LEU F 14 -25.82 33.64 3.93
CA LEU F 14 -26.16 33.44 5.34
C LEU F 14 -26.36 31.97 5.64
N GLY F 15 -27.02 31.26 4.74
CA GLY F 15 -27.31 29.85 4.93
C GLY F 15 -26.07 29.04 5.21
N LYS F 16 -24.99 29.34 4.49
CA LYS F 16 -23.74 28.63 4.69
C LYS F 16 -23.14 29.02 6.02
N LYS F 17 -23.22 30.29 6.37
CA LYS F 17 -22.79 30.74 7.68
C LYS F 17 -23.56 29.96 8.74
N LEU F 18 -24.86 29.85 8.55
CA LEU F 18 -25.72 29.18 9.50
C LEU F 18 -25.38 27.70 9.59
N LEU F 19 -25.18 27.08 8.44
CA LEU F 19 -24.81 25.68 8.40
C LEU F 19 -23.56 25.49 9.24
N GLU F 20 -22.56 26.32 9.00
CA GLU F 20 -21.30 26.19 9.72
C GLU F 20 -21.49 26.49 11.21
N ALA F 21 -22.26 27.52 11.51
CA ALA F 21 -22.50 27.88 12.91
C ALA F 21 -23.19 26.73 13.61
N ALA F 22 -24.15 26.12 12.93
CA ALA F 22 -24.91 25.01 13.49
C ALA F 22 -23.98 23.82 13.70
N ARG F 23 -23.16 23.55 12.69
CA ARG F 23 -22.18 22.49 12.76
C ARG F 23 -21.22 22.75 13.91
N ALA F 24 -20.69 23.98 13.95
CA ALA F 24 -19.68 24.36 14.92
C ALA F 24 -20.24 24.43 16.33
N GLY F 25 -21.55 24.57 16.44
CA GLY F 25 -22.18 24.67 17.75
C GLY F 25 -22.13 26.09 18.28
N ARG F 26 -22.14 27.03 17.36
CA ARG F 26 -22.12 28.44 17.71
C ARG F 26 -23.53 28.96 17.87
N ASP F 27 -24.12 28.68 19.04
CA ASP F 27 -25.52 29.02 19.33
C ASP F 27 -25.80 30.49 19.04
N ASP F 28 -24.92 31.36 19.52
CA ASP F 28 -25.17 32.79 19.44
C ASP F 28 -25.12 33.24 17.99
N GLU F 29 -24.20 32.65 17.23
CA GLU F 29 -24.12 32.93 15.81
C GLU F 29 -25.34 32.41 15.07
N VAL F 30 -25.73 31.18 15.38
CA VAL F 30 -26.93 30.62 14.83
C VAL F 30 -28.08 31.56 15.10
N ARG F 31 -28.21 31.99 16.34
CA ARG F 31 -29.27 32.89 16.72
C ARG F 31 -29.18 34.19 15.91
N ILE F 32 -27.97 34.70 15.78
CA ILE F 32 -27.76 35.98 15.11
C ILE F 32 -27.99 35.87 13.61
N LEU F 33 -27.48 34.80 13.02
CA LEU F 33 -27.69 34.55 11.60
C LEU F 33 -29.17 34.43 11.30
N MET F 34 -29.89 33.71 12.14
CA MET F 34 -31.31 33.56 11.92
C MET F 34 -32.03 34.87 12.20
N ALA F 35 -31.50 35.65 13.14
CA ALA F 35 -32.06 36.97 13.38
C ALA F 35 -31.88 37.82 12.12
N ASN F 36 -30.80 37.56 11.40
CA ASN F 36 -30.50 38.30 10.18
C ASN F 36 -31.05 37.62 8.93
N GLY F 37 -31.99 36.69 9.12
CA GLY F 37 -32.72 36.10 8.02
C GLY F 37 -32.12 34.83 7.46
N ALA F 38 -31.09 34.30 8.10
CA ALA F 38 -30.49 33.06 7.62
C ALA F 38 -31.56 32.01 7.40
N ASP F 39 -31.48 31.32 6.28
CA ASP F 39 -32.41 30.24 5.98
C ASP F 39 -32.17 29.12 6.99
N VAL F 40 -33.07 29.00 7.95
CA VAL F 40 -32.95 27.97 8.98
C VAL F 40 -32.92 26.58 8.36
N ASN F 41 -33.40 26.48 7.13
CA ASN F 41 -33.41 25.21 6.42
C ASN F 41 -32.40 25.21 5.28
N ALA F 42 -31.38 26.05 5.41
CA ALA F 42 -30.28 26.03 4.47
C ALA F 42 -29.82 24.59 4.38
N GLU F 43 -29.41 24.15 3.20
CA GLU F 43 -28.83 22.83 3.08
C GLU F 43 -27.45 22.95 2.51
N ASP F 44 -26.52 22.19 3.07
CA ASP F 44 -25.20 22.11 2.49
C ASP F 44 -25.26 21.17 1.30
N ALA F 45 -24.11 20.84 0.73
CA ALA F 45 -24.07 20.09 -0.51
C ALA F 45 -24.53 18.65 -0.30
N SER F 46 -24.63 18.24 0.96
CA SER F 46 -25.13 16.91 1.26
C SER F 46 -26.56 16.96 1.74
N GLY F 47 -27.18 18.13 1.59
CA GLY F 47 -28.57 18.29 1.90
C GLY F 47 -28.76 18.38 3.39
N TRP F 48 -27.66 18.43 4.12
CA TRP F 48 -27.75 18.63 5.55
C TRP F 48 -28.20 20.03 5.87
N THR F 49 -29.15 20.14 6.78
CA THR F 49 -29.62 21.42 7.24
C THR F 49 -28.87 21.72 8.50
N PRO F 50 -28.96 22.97 8.96
CA PRO F 50 -28.33 23.27 10.24
C PRO F 50 -28.82 22.28 11.27
N LEU F 51 -30.07 21.88 11.16
CA LEU F 51 -30.62 20.95 12.13
C LEU F 51 -29.88 19.62 12.08
N HIS F 52 -29.59 19.13 10.87
CA HIS F 52 -28.84 17.90 10.75
C HIS F 52 -27.50 18.07 11.42
N LEU F 53 -26.84 19.18 11.12
CA LEU F 53 -25.50 19.41 11.62
C LEU F 53 -25.50 19.48 13.13
N ALA F 54 -26.48 20.20 13.66
CA ALA F 54 -26.61 20.32 15.09
C ALA F 54 -26.92 18.95 15.69
N ALA F 55 -27.83 18.22 15.06
CA ALA F 55 -28.19 16.90 15.57
C ALA F 55 -26.96 16.02 15.51
N PHE F 56 -26.30 16.03 14.36
CA PHE F 56 -25.06 15.29 14.18
C PHE F 56 -24.03 15.60 15.26
N ASN F 57 -23.78 16.88 15.50
CA ASN F 57 -22.74 17.27 16.43
C ASN F 57 -23.23 17.43 17.86
N GLY F 58 -24.48 17.08 18.10
CA GLY F 58 -24.98 17.06 19.46
C GLY F 58 -25.18 18.45 20.04
N HIS F 59 -25.39 19.43 19.18
CA HIS F 59 -25.66 20.78 19.65
C HIS F 59 -27.13 20.93 19.93
N LEU F 60 -27.51 20.57 21.14
CA LEU F 60 -28.90 20.62 21.59
C LEU F 60 -29.49 22.02 21.46
N GLU F 61 -28.81 23.00 22.03
CA GLU F 61 -29.31 24.38 22.02
C GLU F 61 -29.55 24.86 20.60
N ILE F 62 -28.63 24.50 19.70
CA ILE F 62 -28.80 24.88 18.31
C ILE F 62 -29.97 24.14 17.69
N VAL F 63 -30.08 22.85 17.96
CA VAL F 63 -31.25 22.10 17.55
C VAL F 63 -32.49 22.86 18.02
N GLU F 64 -32.51 23.20 19.30
CA GLU F 64 -33.67 23.89 19.85
C GLU F 64 -33.96 25.20 19.13
N VAL F 65 -32.95 26.05 18.98
CA VAL F 65 -33.15 27.36 18.36
CA VAL F 65 -33.18 27.36 18.38
C VAL F 65 -33.58 27.22 16.92
N LEU F 66 -32.96 26.27 16.23
CA LEU F 66 -33.34 26.03 14.84
C LEU F 66 -34.79 25.62 14.81
N LEU F 67 -35.15 24.64 15.62
CA LEU F 67 -36.54 24.21 15.68
C LEU F 67 -37.45 25.38 16.02
N LYS F 68 -37.06 26.16 17.02
CA LYS F 68 -37.87 27.31 17.39
C LYS F 68 -38.03 28.25 16.20
N ASN F 69 -37.03 28.27 15.33
CA ASN F 69 -37.04 29.18 14.19
C ASN F 69 -37.55 28.55 12.91
N GLY F 70 -38.28 27.44 13.06
CA GLY F 70 -38.97 26.84 11.95
C GLY F 70 -38.13 25.88 11.15
N ALA F 71 -37.03 25.42 11.74
CA ALA F 71 -36.24 24.42 11.07
C ALA F 71 -37.14 23.23 10.82
N ASP F 72 -37.05 22.67 9.62
CA ASP F 72 -37.79 21.47 9.32
C ASP F 72 -37.19 20.35 10.14
N VAL F 73 -37.95 19.86 11.12
CA VAL F 73 -37.43 18.86 12.04
C VAL F 73 -37.16 17.56 11.30
N ASN F 74 -37.84 17.38 10.17
CA ASN F 74 -37.70 16.18 9.38
C ASN F 74 -37.05 16.43 8.04
N ALA F 75 -36.25 17.50 7.99
CA ALA F 75 -35.46 17.76 6.81
C ALA F 75 -34.77 16.47 6.47
N VAL F 76 -34.88 16.10 5.20
CA VAL F 76 -34.23 14.91 4.74
C VAL F 76 -33.07 15.37 3.89
N ASP F 77 -31.88 14.90 4.24
CA ASP F 77 -30.72 15.26 3.48
C ASP F 77 -30.67 14.42 2.22
N HIS F 78 -29.61 14.55 1.44
CA HIS F 78 -29.55 13.90 0.14
C HIS F 78 -29.52 12.39 0.27
N ALA F 79 -29.13 11.90 1.44
CA ALA F 79 -29.03 10.47 1.68
C ALA F 79 -30.28 9.98 2.38
N GLY F 80 -31.32 10.79 2.41
CA GLY F 80 -32.57 10.39 3.01
C GLY F 80 -32.54 10.34 4.53
N MET F 81 -31.62 11.08 5.12
CA MET F 81 -31.50 11.08 6.56
C MET F 81 -32.06 12.32 7.19
N THR F 82 -32.70 12.11 8.33
CA THR F 82 -33.30 13.19 9.08
C THR F 82 -32.42 13.51 10.26
N PRO F 83 -32.60 14.70 10.83
CA PRO F 83 -31.80 14.99 12.02
C PRO F 83 -32.00 13.92 13.08
N LEU F 84 -33.21 13.38 13.18
CA LEU F 84 -33.49 12.40 14.23
C LEU F 84 -32.65 11.16 14.00
N ARG F 85 -32.48 10.78 12.75
CA ARG F 85 -31.65 9.64 12.48
C ARG F 85 -30.26 9.91 13.04
N LEU F 86 -29.74 11.09 12.72
CA LEU F 86 -28.40 11.42 13.15
C LEU F 86 -28.35 11.46 14.66
N ALA F 87 -29.36 12.10 15.25
CA ALA F 87 -29.39 12.24 16.70
C ALA F 87 -29.46 10.86 17.33
N ALA F 88 -30.26 9.99 16.75
CA ALA F 88 -30.42 8.64 17.26
C ALA F 88 -29.11 7.89 17.09
N LEU F 89 -28.55 7.98 15.89
CA LEU F 89 -27.32 7.28 15.59
C LEU F 89 -26.25 7.69 16.58
N PHE F 90 -26.05 9.00 16.70
CA PHE F 90 -24.93 9.50 17.48
C PHE F 90 -25.23 9.63 18.95
N GLY F 91 -26.36 9.07 19.38
CA GLY F 91 -26.65 8.91 20.78
C GLY F 91 -26.99 10.20 21.48
N HIS F 92 -27.49 11.16 20.73
CA HIS F 92 -27.83 12.45 21.32
C HIS F 92 -29.24 12.42 21.84
N LEU F 93 -29.39 11.86 23.04
CA LEU F 93 -30.70 11.61 23.63
C LEU F 93 -31.55 12.86 23.69
N GLU F 94 -31.00 13.94 24.21
CA GLU F 94 -31.80 15.14 24.43
C GLU F 94 -32.24 15.71 23.09
N ILE F 95 -31.33 15.68 22.13
CA ILE F 95 -31.66 16.13 20.81
C ILE F 95 -32.76 15.25 20.24
N VAL F 96 -32.63 13.94 20.42
CA VAL F 96 -33.67 13.02 19.98
C VAL F 96 -34.99 13.45 20.59
N GLU F 97 -34.98 13.67 21.89
CA GLU F 97 -36.21 14.04 22.57
C GLU F 97 -36.74 15.36 22.03
N VAL F 98 -35.85 16.33 21.90
CA VAL F 98 -36.23 17.63 21.40
C VAL F 98 -36.78 17.48 19.98
N LEU F 99 -36.05 16.78 19.14
CA LEU F 99 -36.51 16.54 17.80
C LEU F 99 -37.90 15.94 17.84
N LEU F 100 -38.08 14.90 18.64
CA LEU F 100 -39.36 14.21 18.69
C LEU F 100 -40.44 15.13 19.20
N LYS F 101 -40.10 15.90 20.22
CA LYS F 101 -41.02 16.85 20.82
C LYS F 101 -41.47 17.81 19.73
N ASN F 102 -40.58 18.07 18.79
CA ASN F 102 -40.86 19.01 17.72
C ASN F 102 -41.35 18.35 16.45
N GLY F 103 -41.77 17.09 16.58
CA GLY F 103 -42.47 16.45 15.50
C GLY F 103 -41.55 15.64 14.62
N ALA F 104 -40.35 15.37 15.11
CA ALA F 104 -39.44 14.52 14.37
C ALA F 104 -40.15 13.23 14.04
N ASP F 105 -39.95 12.80 12.82
CA ASP F 105 -40.58 11.60 12.32
C ASP F 105 -39.89 10.37 12.89
N VAL F 106 -40.55 9.75 13.85
CA VAL F 106 -39.99 8.58 14.50
C VAL F 106 -39.91 7.43 13.50
N ASN F 107 -40.68 7.55 12.42
CA ASN F 107 -40.76 6.50 11.42
C ASN F 107 -39.91 6.81 10.21
N ALA F 108 -39.17 7.92 10.26
CA ALA F 108 -38.33 8.29 9.14
C ALA F 108 -37.45 7.10 8.80
N ASN F 109 -37.57 6.61 7.58
CA ASN F 109 -36.67 5.57 7.10
C ASN F 109 -35.56 6.18 6.27
N ASP F 110 -34.32 5.79 6.56
CA ASP F 110 -33.21 6.26 5.75
C ASP F 110 -33.18 5.33 4.54
N MET F 111 -32.15 5.47 3.71
CA MET F 111 -32.07 4.65 2.51
C MET F 111 -31.95 3.16 2.78
N GLU F 112 -31.64 2.78 4.02
CA GLU F 112 -31.56 1.37 4.38
C GLU F 112 -32.84 0.87 5.03
N GLY F 113 -33.85 1.73 5.06
CA GLY F 113 -35.10 1.36 5.69
C GLY F 113 -34.91 1.35 7.20
N HIS F 114 -33.77 1.88 7.62
CA HIS F 114 -33.53 2.07 9.04
C HIS F 114 -34.30 3.27 9.55
N THR F 115 -35.07 3.03 10.59
CA THR F 115 -35.71 4.10 11.32
C THR F 115 -34.68 4.56 12.32
N PRO F 116 -34.94 5.68 12.97
CA PRO F 116 -34.07 6.08 14.06
C PRO F 116 -33.98 4.98 15.11
N LEU F 117 -35.06 4.23 15.31
CA LEU F 117 -35.04 3.15 16.29
C LEU F 117 -33.95 2.16 15.91
N HIS F 118 -33.90 1.81 14.64
CA HIS F 118 -32.88 0.88 14.18
C HIS F 118 -31.51 1.39 14.55
N LEU F 119 -31.26 2.67 14.25
CA LEU F 119 -29.93 3.24 14.48
C LEU F 119 -29.63 3.25 15.96
N ALA F 120 -30.60 3.70 16.74
CA ALA F 120 -30.42 3.74 18.17
C ALA F 120 -30.12 2.33 18.67
N ALA F 121 -30.88 1.35 18.18
CA ALA F 121 -30.72 -0.02 18.62
C ALA F 121 -29.35 -0.50 18.18
N MET F 122 -28.99 -0.11 16.97
CA MET F 122 -27.75 -0.54 16.38
C MET F 122 -26.60 -0.05 17.23
N PHE F 123 -26.69 1.20 17.66
CA PHE F 123 -25.62 1.80 18.42
C PHE F 123 -25.82 1.66 19.91
N GLY F 124 -26.79 0.83 20.28
CA GLY F 124 -27.00 0.48 21.67
C GLY F 124 -27.39 1.67 22.50
N HIS F 125 -28.13 2.59 21.89
CA HIS F 125 -28.56 3.77 22.63
C HIS F 125 -29.88 3.47 23.29
N LEU F 126 -29.80 2.91 24.48
CA LEU F 126 -30.97 2.37 25.16
C LEU F 126 -31.99 3.45 25.45
N GLU F 127 -31.56 4.53 26.07
CA GLU F 127 -32.47 5.60 26.44
C GLU F 127 -33.12 6.17 25.19
N ILE F 128 -32.31 6.36 24.15
CA ILE F 128 -32.85 6.83 22.88
C ILE F 128 -33.87 5.84 22.35
N VAL F 129 -33.56 4.55 22.41
CA VAL F 129 -34.51 3.54 21.96
C VAL F 129 -35.81 3.65 22.75
N GLU F 130 -35.68 3.79 24.06
CA GLU F 130 -36.85 3.89 24.91
C GLU F 130 -37.66 5.11 24.54
N VAL F 131 -36.97 6.21 24.30
CA VAL F 131 -37.61 7.45 23.90
C VAL F 131 -38.32 7.29 22.56
N LEU F 132 -37.64 6.70 21.59
CA LEU F 132 -38.24 6.49 20.28
C LEU F 132 -39.48 5.61 20.41
N LEU F 133 -39.35 4.53 21.15
CA LEU F 133 -40.47 3.64 21.39
C LEU F 133 -41.60 4.41 22.04
N LYS F 134 -41.25 5.20 23.06
N LYS F 134 -41.25 5.23 23.03
CA LYS F 134 -42.23 6.03 23.74
CA LYS F 134 -42.22 6.02 23.76
C LYS F 134 -42.96 6.88 22.72
C LYS F 134 -42.88 7.05 22.83
N ASN F 135 -42.22 7.30 21.70
CA ASN F 135 -42.75 8.24 20.71
C ASN F 135 -43.29 7.58 19.47
N GLY F 136 -43.61 6.30 19.59
CA GLY F 136 -44.34 5.61 18.55
C GLY F 136 -43.45 4.87 17.58
N ALA F 137 -42.17 4.76 17.91
CA ALA F 137 -41.26 4.04 17.04
C ALA F 137 -41.83 2.66 16.83
N ASP F 138 -41.83 2.23 15.58
CA ASP F 138 -42.35 0.91 15.24
C ASP F 138 -41.31 -0.11 15.66
N VAL F 139 -41.57 -0.80 16.76
CA VAL F 139 -40.60 -1.75 17.28
C VAL F 139 -40.41 -2.89 16.27
N ASN F 140 -41.43 -3.12 15.46
CA ASN F 140 -41.40 -4.22 14.51
C ASN F 140 -40.98 -3.75 13.12
N ALA F 141 -40.63 -2.47 13.01
CA ALA F 141 -40.17 -1.92 11.75
C ALA F 141 -38.96 -2.68 11.28
N GLN F 142 -39.00 -3.13 10.04
CA GLN F 142 -37.89 -3.85 9.46
C GLN F 142 -37.14 -2.95 8.50
N ASP F 143 -35.83 -3.13 8.44
CA ASP F 143 -35.03 -2.41 7.46
C ASP F 143 -35.03 -3.20 6.17
N LYS F 144 -34.10 -2.85 5.27
CA LYS F 144 -34.02 -3.49 3.98
C LYS F 144 -33.45 -4.91 4.10
N PHE F 145 -33.07 -5.28 5.32
CA PHE F 145 -32.61 -6.63 5.60
C PHE F 145 -33.72 -7.43 6.26
N GLY F 146 -34.87 -6.77 6.46
CA GLY F 146 -35.99 -7.41 7.13
C GLY F 146 -35.72 -7.51 8.63
N LYS F 147 -34.70 -6.80 9.09
CA LYS F 147 -34.32 -6.82 10.49
C LYS F 147 -35.03 -5.73 11.26
N THR F 148 -35.46 -6.08 12.46
CA THR F 148 -36.03 -5.11 13.37
C THR F 148 -34.92 -4.49 14.19
N ALA F 149 -35.26 -3.46 14.94
CA ALA F 149 -34.34 -2.90 15.91
C ALA F 149 -33.81 -4.03 16.78
N PHE F 150 -34.70 -4.95 17.14
CA PHE F 150 -34.28 -6.06 17.97
C PHE F 150 -33.18 -6.87 17.30
N ASP F 151 -33.42 -7.30 16.08
CA ASP F 151 -32.43 -8.06 15.33
C ASP F 151 -31.13 -7.28 15.26
N ILE F 152 -31.27 -5.98 15.04
CA ILE F 152 -30.08 -5.17 14.87
C ILE F 152 -29.35 -5.09 16.20
N SER F 153 -30.12 -5.02 17.28
CA SER F 153 -29.53 -4.92 18.60
C SER F 153 -28.79 -6.22 18.91
N ILE F 154 -29.35 -7.34 18.47
CA ILE F 154 -28.68 -8.63 18.65
C ILE F 154 -27.42 -8.64 17.82
N ASP F 155 -27.54 -8.22 16.56
CA ASP F 155 -26.41 -8.23 15.64
C ASP F 155 -25.27 -7.41 16.21
N ASN F 156 -25.62 -6.31 16.85
CA ASN F 156 -24.60 -5.42 17.38
C ASN F 156 -24.28 -5.65 18.84
N GLY F 157 -24.76 -6.77 19.36
CA GLY F 157 -24.43 -7.20 20.71
C GLY F 157 -24.93 -6.26 21.78
N ASN F 158 -25.99 -5.54 21.46
CA ASN F 158 -26.59 -4.64 22.43
C ASN F 158 -27.64 -5.39 23.22
N GLU F 159 -27.17 -6.12 24.22
CA GLU F 159 -27.96 -7.08 24.96
C GLU F 159 -29.08 -6.45 25.76
N ASP F 160 -28.75 -5.42 26.53
CA ASP F 160 -29.74 -4.75 27.36
C ASP F 160 -30.83 -4.17 26.49
N LEU F 161 -30.43 -3.66 25.34
CA LEU F 161 -31.35 -3.04 24.40
C LEU F 161 -32.23 -4.11 23.78
N ALA F 162 -31.58 -5.16 23.26
CA ALA F 162 -32.29 -6.28 22.66
C ALA F 162 -33.30 -6.84 23.64
N GLU F 163 -32.91 -6.92 24.90
CA GLU F 163 -33.79 -7.42 25.95
C GLU F 163 -35.06 -6.60 26.01
N ILE F 164 -34.92 -5.28 25.97
CA ILE F 164 -36.08 -4.40 26.00
C ILE F 164 -36.94 -4.57 24.75
N LEU F 165 -36.31 -4.47 23.59
CA LEU F 165 -37.02 -4.67 22.33
C LEU F 165 -37.65 -6.06 22.27
N GLN F 166 -36.96 -7.05 22.82
CA GLN F 166 -37.44 -8.42 22.84
C GLN F 166 -38.80 -8.52 23.52
N LYS F 167 -38.96 -7.80 24.62
CA LYS F 167 -40.23 -7.81 25.35
C LYS F 167 -41.34 -7.29 24.45
N LEU F 168 -40.94 -6.62 23.37
CA LEU F 168 -41.88 -6.10 22.39
C LEU F 168 -41.87 -6.95 21.12
N ILE G 1 3.26 -6.67 26.39
CA ILE G 1 2.88 -6.19 25.07
C ILE G 1 1.85 -7.12 24.45
N GLU G 2 0.89 -6.55 23.75
CA GLU G 2 -0.16 -7.34 23.14
C GLU G 2 -0.26 -7.06 21.64
N THR G 3 -0.89 -7.96 20.93
CA THR G 3 -1.06 -7.78 19.51
C THR G 3 -2.50 -7.41 19.23
N ASP G 4 -2.71 -6.64 18.19
CA ASP G 4 -4.05 -6.30 17.76
C ASP G 4 -4.66 -7.32 16.80
N ILE H 2 -2.82 6.25 -24.16
CA ILE H 2 -3.77 5.75 -25.16
C ILE H 2 -4.02 4.25 -24.94
N GLU H 3 -3.05 3.56 -24.37
CA GLU H 3 -3.20 2.13 -24.10
C GLU H 3 -3.08 1.79 -22.62
N THR H 4 -3.69 0.68 -22.23
CA THR H 4 -3.64 0.25 -20.84
C THR H 4 -2.70 -0.94 -20.67
#